data_1QQC
#
_entry.id   1QQC
#
_cell.length_a   66.1
_cell.length_b   107.6
_cell.length_c   155.9
_cell.angle_alpha   90
_cell.angle_beta   90
_cell.angle_gamma   90
#
_symmetry.space_group_name_H-M   'P 21 21 21'
#
loop_
_entity.id
_entity.type
_entity.pdbx_description
1 polymer 'DNA POLYMERASE II'
2 non-polymer 'SULFATE ION'
3 non-polymer 'MAGNESIUM ION'
4 water water
#
_entity_poly.entity_id   1
_entity_poly.type   'polypeptide(L)'
_entity_poly.pdbx_seq_one_letter_code
;MILDADYITEDGKPVIRVFKKEKGEFKIDYDRDFEPYIYALLKDDSAIEDIKKITAERHGTTVRVTRAERVKKKFLGRPV
EVWKLYFTHPQDVPAIRDKIREHPAVVDIYEYDIPFAKRYLIDRGLIPMEGDEELRMLAFDIETLYHEGEEFGEGPILMI
SYADEEGARVITWKNIDLPYVESVSTEKEMIKRFLKVIQEKDPDVLITYNGDNFDFAYLKKRSEMLGVKFILGRDGSEPK
IQRMGDRFAVEVKGRIHFDLYPVIRRTINLPTYTLETVYEPVFGQPKEKVYAEEIARAWESGEGLERVARYSMEDAKATY
ELGKEFFPMEAQLSRLVGQSLWDVSRSSTGNLVEWFLLRKAYERNDVAPNKPDERELARRTESYAGGYVKEPEKGLWENI
VYLDYKSLYPSIIITHNVSPDTLNREGCREYDVAPQVGHRFCKDFPGFIPSLLGDLLEERQKVKKKMKATVDPIERKLLD
YRQRAIKILANSYYGYYAYANARWYCRECAESVTAWGRQYIETTMREIEEKFGFKVLYADTDGFFATIPGADAETVKNKA
KEFLNYINPRLPGLLELEYEGFYRRGFFVTKKKYAVIDEEDKITTRGLEIVRRDWSEIAKETQARVLEAILKHGDVEEAV
RIVKEVTEKLSRHEVPPEKLVIYEQITRDLRSYRATGPHVAVAKRLAARGIKIRPGTVISYIVLKGPGRVGDRAIPFDEF
DPAKHRYDAEYYIENQVLPAVERILRAFGYRKEDLRYQKTKQAGLGAWLKPKT
;
_entity_poly.pdbx_strand_id   A
#
loop_
_chem_comp.id
_chem_comp.type
_chem_comp.name
_chem_comp.formula
MG non-polymer 'MAGNESIUM ION' 'Mg 2'
SO4 non-polymer 'SULFATE ION' 'O4 S -2'
#
# COMPACT_ATOMS: atom_id res chain seq x y z
N MET A 1 12.80 22.88 7.40
CA MET A 1 12.33 21.65 6.70
C MET A 1 11.45 22.02 5.53
N ILE A 2 11.79 21.51 4.35
CA ILE A 2 11.00 21.80 3.15
C ILE A 2 9.75 20.92 3.12
N LEU A 3 8.59 21.57 3.06
CA LEU A 3 7.30 20.88 3.03
C LEU A 3 6.83 20.54 1.62
N ASP A 4 7.03 21.46 0.68
CA ASP A 4 6.60 21.22 -0.69
C ASP A 4 6.98 22.39 -1.62
N ALA A 5 6.69 22.23 -2.91
CA ALA A 5 6.96 23.27 -3.89
C ALA A 5 5.95 23.22 -5.04
N ASP A 6 5.66 24.38 -5.61
CA ASP A 6 4.73 24.50 -6.75
C ASP A 6 5.13 25.76 -7.51
N TYR A 7 4.23 26.32 -8.31
CA TYR A 7 4.59 27.55 -9.02
C TYR A 7 3.37 28.31 -9.53
N ILE A 8 3.56 29.60 -9.79
CA ILE A 8 2.51 30.46 -10.29
C ILE A 8 3.07 31.24 -11.49
N THR A 9 2.23 32.06 -12.12
CA THR A 9 2.66 32.80 -13.31
C THR A 9 2.24 34.28 -13.35
N GLU A 10 3.19 35.16 -13.67
CA GLU A 10 2.94 36.60 -13.80
C GLU A 10 3.41 37.06 -15.17
N ASP A 11 2.51 37.67 -15.93
CA ASP A 11 2.87 38.16 -17.27
C ASP A 11 3.57 37.10 -18.13
N GLY A 12 3.10 35.85 -18.04
CA GLY A 12 3.66 34.75 -18.82
C GLY A 12 4.90 34.02 -18.30
N LYS A 13 5.42 34.41 -17.13
CA LYS A 13 6.61 33.78 -16.60
C LYS A 13 6.38 33.05 -15.27
N PRO A 14 6.99 31.87 -15.10
CA PRO A 14 6.85 31.07 -13.89
C PRO A 14 7.66 31.59 -12.71
N VAL A 15 7.12 31.38 -11.52
CA VAL A 15 7.78 31.76 -10.27
C VAL A 15 7.60 30.57 -9.33
N ILE A 16 8.73 29.98 -8.93
CA ILE A 16 8.75 28.83 -8.02
C ILE A 16 8.52 29.28 -6.58
N ARG A 17 7.75 28.49 -5.84
CA ARG A 17 7.48 28.74 -4.42
C ARG A 17 7.84 27.49 -3.62
N VAL A 18 8.74 27.66 -2.67
CA VAL A 18 9.15 26.56 -1.81
C VAL A 18 8.58 26.86 -0.43
N PHE A 19 7.70 26.01 0.07
CA PHE A 19 7.10 26.21 1.39
C PHE A 19 7.97 25.54 2.45
N LYS A 20 8.50 26.34 3.36
CA LYS A 20 9.34 25.83 4.43
C LYS A 20 8.74 26.05 5.78
N LYS A 21 9.26 25.31 6.75
CA LYS A 21 8.81 25.41 8.12
C LYS A 21 10.08 25.26 8.94
N GLU A 22 10.76 26.34 9.28
CA GLU A 22 11.96 26.19 10.08
C GLU A 22 12.03 27.00 11.37
N LYS A 23 12.32 26.27 12.45
CA LYS A 23 12.43 26.80 13.81
C LYS A 23 11.26 27.62 14.28
N GLY A 24 10.05 27.08 14.14
CA GLY A 24 8.89 27.81 14.61
C GLY A 24 8.10 28.55 13.57
N GLU A 25 8.73 29.22 12.60
CA GLU A 25 7.89 29.88 11.64
C GLU A 25 7.91 29.42 10.17
N PHE A 26 6.77 29.65 9.55
CA PHE A 26 6.51 29.33 8.18
C PHE A 26 7.22 30.33 7.28
N LYS A 27 7.76 29.86 6.16
CA LYS A 27 8.45 30.74 5.22
C LYS A 27 8.14 30.33 3.78
N ILE A 28 8.33 31.27 2.86
CA ILE A 28 8.09 30.99 1.46
C ILE A 28 9.23 31.58 0.62
N ASP A 29 10.11 30.72 0.10
CA ASP A 29 11.19 31.20 -0.76
C ASP A 29 10.65 31.32 -2.18
N TYR A 30 10.87 32.46 -2.86
CA TYR A 30 10.42 32.59 -4.24
C TYR A 30 11.65 32.53 -5.13
N ASP A 31 11.48 32.12 -6.38
CA ASP A 31 12.62 32.03 -7.32
C ASP A 31 12.09 32.32 -8.74
N ARG A 32 12.50 33.47 -9.29
CA ARG A 32 12.06 33.88 -10.62
C ARG A 32 13.02 33.48 -11.74
N ASP A 33 14.10 32.77 -11.42
CA ASP A 33 15.08 32.44 -12.45
C ASP A 33 15.34 30.99 -12.90
N PHE A 34 14.36 30.10 -12.78
CA PHE A 34 14.55 28.72 -13.22
C PHE A 34 13.94 28.59 -14.62
N GLU A 35 14.59 27.84 -15.51
CA GLU A 35 14.08 27.67 -16.89
C GLU A 35 13.76 26.25 -17.31
N PRO A 36 12.59 26.04 -17.93
CA PRO A 36 12.14 24.71 -18.40
C PRO A 36 12.99 24.33 -19.62
N TYR A 37 13.07 23.05 -19.94
CA TYR A 37 13.88 22.60 -21.09
C TYR A 37 13.62 21.16 -21.44
N ILE A 38 14.17 20.70 -22.57
CA ILE A 38 14.04 19.31 -22.98
C ILE A 38 15.32 18.93 -23.76
N TYR A 39 15.38 17.72 -24.29
CA TYR A 39 16.56 17.32 -25.05
C TYR A 39 16.17 16.75 -26.41
N ALA A 40 17.12 16.81 -27.35
CA ALA A 40 16.90 16.28 -28.68
C ALA A 40 18.19 15.71 -29.30
N LEU A 41 18.07 14.54 -29.93
CA LEU A 41 19.19 13.89 -30.61
C LEU A 41 19.00 14.16 -32.10
N LEU A 42 19.89 14.96 -32.69
CA LEU A 42 19.78 15.29 -34.11
C LEU A 42 20.75 14.49 -35.00
N LYS A 43 20.27 14.05 -36.17
CA LYS A 43 21.10 13.29 -37.10
C LYS A 43 22.35 14.04 -37.58
N ASP A 44 22.36 15.36 -37.46
CA ASP A 44 23.50 16.21 -37.83
C ASP A 44 23.31 17.61 -37.27
N ASP A 45 24.33 18.12 -36.57
CA ASP A 45 24.28 19.42 -35.94
C ASP A 45 23.65 20.55 -36.77
N SER A 46 23.84 20.50 -38.08
CA SER A 46 23.32 21.52 -38.98
C SER A 46 21.82 21.78 -38.85
N ALA A 47 21.08 20.83 -38.31
CA ALA A 47 19.63 21.00 -38.18
C ALA A 47 19.11 21.95 -37.09
N ILE A 48 19.95 22.31 -36.11
CA ILE A 48 19.47 23.20 -35.04
C ILE A 48 18.94 24.53 -35.55
N GLU A 49 19.62 25.12 -36.53
CA GLU A 49 19.21 26.41 -37.08
C GLU A 49 17.83 26.31 -37.72
N ASP A 50 17.38 25.08 -37.94
CA ASP A 50 16.09 24.85 -38.54
C ASP A 50 15.13 24.69 -37.35
N ILE A 51 15.52 23.88 -36.39
CA ILE A 51 14.72 23.60 -35.20
C ILE A 51 14.42 24.82 -34.34
N LYS A 52 15.34 25.77 -34.28
CA LYS A 52 15.12 26.98 -33.48
C LYS A 52 13.94 27.82 -33.98
N LYS A 53 13.45 27.52 -35.18
CA LYS A 53 12.37 28.29 -35.75
C LYS A 53 11.00 27.64 -35.69
N ILE A 54 10.92 26.43 -35.15
CA ILE A 54 9.64 25.75 -35.03
C ILE A 54 8.80 26.54 -34.03
N THR A 55 7.47 26.52 -34.20
CA THR A 55 6.62 27.29 -33.30
C THR A 55 5.24 26.70 -33.04
N ALA A 56 4.56 27.20 -32.01
CA ALA A 56 3.22 26.76 -31.63
C ALA A 56 2.53 27.89 -30.89
N GLU A 57 1.29 27.66 -30.46
CA GLU A 57 0.54 28.68 -29.74
C GLU A 57 -0.26 28.25 -28.53
N ARG A 58 -0.32 29.17 -27.57
CA ARG A 58 -1.03 28.97 -26.32
C ARG A 58 -1.63 30.32 -25.97
N HIS A 59 -2.92 30.33 -25.63
CA HIS A 59 -3.63 31.56 -25.28
C HIS A 59 -3.56 32.57 -26.44
N GLY A 60 -3.61 32.08 -27.67
CA GLY A 60 -3.56 32.98 -28.82
C GLY A 60 -2.22 33.63 -29.12
N THR A 61 -1.20 33.38 -28.29
CA THR A 61 0.13 33.96 -28.52
C THR A 61 1.13 32.89 -28.96
N THR A 62 2.12 33.32 -29.75
CA THR A 62 3.15 32.45 -30.30
C THR A 62 4.22 31.98 -29.31
N VAL A 63 4.60 30.71 -29.44
CA VAL A 63 5.61 30.08 -28.57
C VAL A 63 6.86 29.62 -29.32
N ARG A 64 8.04 29.96 -28.81
CA ARG A 64 9.29 29.58 -29.47
C ARG A 64 10.40 28.99 -28.58
N VAL A 65 11.48 28.57 -29.25
CA VAL A 65 12.64 28.02 -28.56
C VAL A 65 13.46 29.22 -28.11
N THR A 66 13.85 29.23 -26.85
CA THR A 66 14.60 30.35 -26.30
C THR A 66 16.07 30.33 -26.66
N ARG A 67 16.76 29.29 -26.23
CA ARG A 67 18.18 29.13 -26.48
C ARG A 67 18.36 27.66 -26.80
N ALA A 68 19.54 27.32 -27.30
CA ALA A 68 19.86 25.95 -27.63
C ALA A 68 21.35 25.77 -27.41
N GLU A 69 21.73 24.71 -26.73
CA GLU A 69 23.13 24.45 -26.47
C GLU A 69 23.45 22.96 -26.56
N ARG A 70 24.56 22.66 -27.23
CA ARG A 70 25.05 21.31 -27.44
C ARG A 70 25.66 20.78 -26.14
N VAL A 71 25.28 19.56 -25.75
CA VAL A 71 25.76 18.97 -24.50
C VAL A 71 26.20 17.50 -24.56
N LYS A 72 27.19 17.16 -23.74
CA LYS A 72 27.71 15.80 -23.67
C LYS A 72 27.08 14.98 -22.53
N LYS A 73 26.58 13.78 -22.87
CA LYS A 73 25.92 12.92 -21.89
C LYS A 73 26.14 11.40 -22.07
N LYS A 74 25.56 10.61 -21.16
CA LYS A 74 25.67 9.15 -21.17
C LYS A 74 24.28 8.52 -21.31
N PHE A 75 24.11 7.62 -22.27
CA PHE A 75 22.83 6.97 -22.47
C PHE A 75 23.10 5.47 -22.55
N LEU A 76 22.56 4.72 -21.60
CA LEU A 76 22.78 3.27 -21.57
C LEU A 76 24.26 2.90 -21.76
N GLY A 77 25.10 3.45 -20.89
CA GLY A 77 26.53 3.18 -20.94
C GLY A 77 27.21 3.40 -22.28
N ARG A 78 26.83 4.47 -22.97
CA ARG A 78 27.39 4.81 -24.28
C ARG A 78 27.37 6.34 -24.40
N PRO A 79 28.54 6.99 -24.47
CA PRO A 79 28.59 8.45 -24.59
C PRO A 79 27.89 8.95 -25.84
N VAL A 80 27.28 10.13 -25.76
CA VAL A 80 26.57 10.67 -26.91
C VAL A 80 26.25 12.16 -26.77
N GLU A 81 26.07 12.82 -27.91
CA GLU A 81 25.75 14.25 -27.92
C GLU A 81 24.29 14.57 -28.22
N VAL A 82 23.76 15.58 -27.53
CA VAL A 82 22.38 16.01 -27.69
C VAL A 82 22.25 17.52 -27.49
N TRP A 83 21.14 18.09 -27.95
CA TRP A 83 20.89 19.52 -27.78
C TRP A 83 19.79 19.80 -26.75
N LYS A 84 20.12 20.65 -25.77
CA LYS A 84 19.22 21.06 -24.69
C LYS A 84 18.44 22.30 -25.14
N LEU A 85 17.14 22.16 -25.35
CA LEU A 85 16.31 23.27 -25.80
C LEU A 85 15.54 23.91 -24.65
N TYR A 86 15.69 25.23 -24.47
CA TYR A 86 14.99 25.96 -23.40
C TYR A 86 13.71 26.66 -23.88
N PHE A 87 12.88 27.06 -22.92
CA PHE A 87 11.61 27.76 -23.19
C PHE A 87 11.34 28.79 -22.10
N THR A 88 10.20 29.46 -22.22
CA THR A 88 9.82 30.49 -21.26
C THR A 88 8.87 30.00 -20.17
N HIS A 89 7.83 29.29 -20.58
CA HIS A 89 6.85 28.79 -19.65
C HIS A 89 6.73 27.28 -19.78
N PRO A 90 6.65 26.55 -18.65
CA PRO A 90 6.54 25.09 -18.72
C PRO A 90 5.42 24.54 -19.60
N GLN A 91 4.26 25.21 -19.61
CA GLN A 91 3.17 24.73 -20.47
C GLN A 91 3.47 24.88 -21.97
N ASP A 92 4.51 25.63 -22.32
CA ASP A 92 4.88 25.78 -23.71
C ASP A 92 5.26 24.41 -24.24
N VAL A 93 5.95 23.65 -23.40
CA VAL A 93 6.43 22.31 -23.73
C VAL A 93 5.37 21.37 -24.30
N PRO A 94 4.28 21.16 -23.58
CA PRO A 94 3.23 20.26 -24.05
C PRO A 94 2.64 20.64 -25.41
N ALA A 95 2.78 21.91 -25.79
CA ALA A 95 2.22 22.39 -27.04
C ALA A 95 3.14 22.45 -28.25
N ILE A 96 4.45 22.32 -28.04
CA ILE A 96 5.36 22.40 -29.16
C ILE A 96 6.25 21.17 -29.36
N ARG A 97 6.35 20.33 -28.33
CA ARG A 97 7.20 19.15 -28.39
C ARG A 97 6.94 18.20 -29.56
N ASP A 98 5.69 17.80 -29.77
CA ASP A 98 5.36 16.88 -30.86
C ASP A 98 5.96 17.32 -32.20
N LYS A 99 5.77 18.59 -32.55
CA LYS A 99 6.30 19.11 -33.80
C LYS A 99 7.79 18.86 -33.88
N ILE A 100 8.51 19.28 -32.85
CA ILE A 100 9.96 19.11 -32.83
C ILE A 100 10.39 17.68 -33.12
N ARG A 101 9.65 16.68 -32.63
CA ARG A 101 10.08 15.32 -32.91
C ARG A 101 9.55 14.70 -34.19
N GLU A 102 8.74 15.44 -34.94
CA GLU A 102 8.28 14.86 -36.20
C GLU A 102 9.04 15.51 -37.34
N HIS A 103 10.09 16.22 -36.96
CA HIS A 103 11.00 16.86 -37.89
C HIS A 103 11.89 15.67 -38.32
N PRO A 104 12.37 15.65 -39.57
CA PRO A 104 13.21 14.56 -40.08
C PRO A 104 14.58 14.37 -39.42
N ALA A 105 15.29 15.46 -39.14
CA ALA A 105 16.61 15.35 -38.53
C ALA A 105 16.60 15.04 -37.03
N VAL A 106 15.45 14.60 -36.51
CA VAL A 106 15.34 14.29 -35.10
C VAL A 106 15.16 12.80 -34.78
N VAL A 107 16.15 12.21 -34.10
CA VAL A 107 16.07 10.81 -33.73
C VAL A 107 14.97 10.66 -32.67
N ASP A 108 15.04 11.49 -31.62
CA ASP A 108 14.01 11.46 -30.58
C ASP A 108 14.25 12.66 -29.65
N ILE A 109 13.30 12.89 -28.75
CA ILE A 109 13.39 13.96 -27.76
C ILE A 109 13.30 13.32 -26.37
N TYR A 110 13.91 13.96 -25.36
CA TYR A 110 13.90 13.40 -24.01
C TYR A 110 13.57 14.35 -22.87
N GLU A 111 13.11 13.77 -21.76
CA GLU A 111 12.77 14.50 -20.54
C GLU A 111 11.84 15.68 -20.80
N TYR A 112 10.71 15.41 -21.44
CA TYR A 112 9.71 16.44 -21.76
C TYR A 112 8.43 16.36 -20.94
N ASP A 113 8.36 15.44 -19.98
CA ASP A 113 7.16 15.32 -19.14
C ASP A 113 7.45 15.30 -17.64
N ILE A 114 8.48 16.02 -17.22
CA ILE A 114 8.82 16.12 -15.80
C ILE A 114 8.22 17.45 -15.30
N PRO A 115 7.21 17.37 -14.41
CA PRO A 115 6.56 18.58 -13.90
C PRO A 115 7.56 19.59 -13.35
N PHE A 116 7.37 20.85 -13.73
CA PHE A 116 8.22 21.96 -13.36
C PHE A 116 8.75 22.04 -11.91
N ALA A 117 7.91 21.85 -10.89
CA ALA A 117 8.40 21.99 -9.51
C ALA A 117 9.29 20.83 -9.03
N LYS A 118 9.00 19.62 -9.53
CA LYS A 118 9.81 18.46 -9.19
C LYS A 118 11.14 18.57 -9.93
N ARG A 119 11.09 19.06 -11.17
CA ARG A 119 12.29 19.26 -11.97
C ARG A 119 13.21 20.21 -11.19
N TYR A 120 12.59 21.20 -10.58
CA TYR A 120 13.31 22.18 -9.79
C TYR A 120 13.96 21.54 -8.55
N LEU A 121 13.19 20.75 -7.81
CA LEU A 121 13.73 20.11 -6.61
C LEU A 121 14.95 19.25 -6.94
N ILE A 122 14.86 18.49 -8.04
CA ILE A 122 15.94 17.60 -8.49
C ILE A 122 17.16 18.37 -9.01
N ASP A 123 16.98 19.41 -9.82
CA ASP A 123 18.12 20.12 -10.35
C ASP A 123 18.81 21.00 -9.32
N ARG A 124 18.04 21.57 -8.38
CA ARG A 124 18.66 22.40 -7.36
C ARG A 124 19.09 21.55 -6.18
N GLY A 125 18.80 20.25 -6.27
CA GLY A 125 19.18 19.31 -5.21
C GLY A 125 18.56 19.49 -3.83
N LEU A 126 17.33 20.00 -3.78
CA LEU A 126 16.66 20.22 -2.51
C LEU A 126 15.94 18.94 -2.11
N ILE A 127 15.94 18.65 -0.80
CA ILE A 127 15.34 17.43 -0.27
C ILE A 127 14.31 17.70 0.83
N PRO A 128 13.03 17.47 0.53
CA PRO A 128 11.96 17.69 1.52
C PRO A 128 12.02 16.75 2.75
N MET A 129 11.38 17.17 3.84
CA MET A 129 11.34 16.37 5.08
C MET A 129 12.72 15.96 5.58
N GLU A 130 13.63 16.90 5.72
CA GLU A 130 14.98 16.52 6.11
C GLU A 130 15.39 16.82 7.56
N GLY A 131 14.82 17.87 8.12
CA GLY A 131 15.16 18.29 9.47
C GLY A 131 15.02 17.36 10.68
N ASP A 132 14.60 17.98 11.78
CA ASP A 132 14.42 17.33 13.07
C ASP A 132 13.25 18.11 13.70
N GLU A 133 12.38 18.67 12.85
CA GLU A 133 11.28 19.47 13.36
C GLU A 133 9.97 18.82 13.82
N GLU A 134 9.23 19.56 14.65
CA GLU A 134 7.99 19.09 15.25
C GLU A 134 6.83 19.80 14.57
N LEU A 135 6.03 19.07 13.81
CA LEU A 135 4.91 19.65 13.06
C LEU A 135 3.59 19.41 13.76
N ARG A 136 2.78 20.46 13.86
CA ARG A 136 1.47 20.34 14.48
C ARG A 136 0.56 19.65 13.47
N MET A 137 -0.11 18.58 13.90
CA MET A 137 -1.02 17.87 13.01
C MET A 137 -2.43 17.95 13.59
N LEU A 138 -3.43 17.62 12.78
CA LEU A 138 -4.82 17.67 13.22
C LEU A 138 -5.75 17.06 12.18
N ALA A 139 -6.67 16.22 12.63
CA ALA A 139 -7.62 15.58 11.72
C ALA A 139 -8.99 16.23 11.84
N PHE A 140 -9.90 15.86 10.95
CA PHE A 140 -11.25 16.41 10.95
C PHE A 140 -12.15 15.53 10.07
N ASP A 141 -13.44 15.53 10.37
CA ASP A 141 -14.39 14.72 9.61
C ASP A 141 -15.75 15.41 9.62
N ILE A 142 -16.58 15.16 8.61
CA ILE A 142 -17.91 15.76 8.55
C ILE A 142 -18.97 14.66 8.51
N GLU A 143 -20.18 15.02 8.92
CA GLU A 143 -21.30 14.09 8.90
C GLU A 143 -22.50 14.76 8.24
N THR A 144 -23.00 14.16 7.18
CA THR A 144 -24.12 14.73 6.45
C THR A 144 -25.39 13.89 6.51
N LEU A 145 -26.53 14.57 6.56
CA LEU A 145 -27.83 13.92 6.61
C LEU A 145 -28.12 13.18 5.32
N TYR A 146 -28.46 11.90 5.45
CA TYR A 146 -28.77 11.06 4.30
C TYR A 146 -30.08 11.51 3.64
N HIS A 147 -29.99 11.91 2.38
CA HIS A 147 -31.17 12.34 1.64
C HIS A 147 -31.51 11.32 0.56
N GLU A 148 -31.73 10.08 0.98
CA GLU A 148 -32.08 8.97 0.10
C GLU A 148 -31.87 9.27 -1.37
N GLY A 149 -32.87 9.90 -2.00
CA GLY A 149 -32.80 10.31 -3.41
C GLY A 149 -31.68 11.34 -3.48
N GLU A 150 -30.47 10.85 -3.78
CA GLU A 150 -29.28 11.68 -3.86
C GLU A 150 -29.16 12.61 -5.05
N GLU A 151 -28.34 13.63 -4.84
CA GLU A 151 -28.06 14.66 -5.79
C GLU A 151 -26.85 15.29 -5.16
N PHE A 152 -25.96 14.41 -4.69
CA PHE A 152 -24.71 14.73 -3.99
C PHE A 152 -24.51 16.22 -3.74
N GLY A 153 -24.73 16.70 -2.52
CA GLY A 153 -24.53 18.10 -2.26
C GLY A 153 -25.75 18.59 -1.51
N GLU A 154 -26.91 18.09 -1.92
CA GLU A 154 -28.19 18.44 -1.32
C GLU A 154 -28.42 17.78 0.04
N GLY A 155 -28.30 18.59 1.09
CA GLY A 155 -28.50 18.08 2.44
C GLY A 155 -27.38 18.65 3.29
N PRO A 156 -27.69 19.52 4.27
CA PRO A 156 -26.73 20.16 5.17
C PRO A 156 -25.71 19.27 5.85
N ILE A 157 -24.79 19.91 6.55
CA ILE A 157 -23.74 19.21 7.29
C ILE A 157 -24.11 19.20 8.77
N LEU A 158 -24.64 18.06 9.20
CA LEU A 158 -25.08 17.87 10.58
C LEU A 158 -23.95 18.13 11.58
N MET A 159 -22.79 17.55 11.32
CA MET A 159 -21.64 17.72 12.22
C MET A 159 -20.28 17.76 11.55
N ILE A 160 -19.28 18.19 12.33
CA ILE A 160 -17.90 18.28 11.87
C ILE A 160 -16.98 18.29 13.10
N SER A 161 -16.18 17.24 13.23
CA SER A 161 -15.27 17.08 14.36
C SER A 161 -13.79 17.09 14.00
N TYR A 162 -12.97 17.52 14.94
CA TYR A 162 -11.54 17.55 14.74
C TYR A 162 -10.84 16.86 15.90
N ALA A 163 -9.54 16.63 15.78
CA ALA A 163 -8.79 15.94 16.82
C ALA A 163 -7.33 16.38 16.88
N ASP A 164 -6.89 16.74 18.08
CA ASP A 164 -5.53 17.24 18.30
C ASP A 164 -5.00 16.71 19.63
N GLU A 165 -3.67 16.73 19.80
CA GLU A 165 -3.06 16.28 21.05
C GLU A 165 -3.79 16.94 22.21
N GLU A 166 -4.39 18.09 21.92
CA GLU A 166 -5.12 18.87 22.90
C GLU A 166 -6.60 18.55 22.83
N GLY A 167 -6.98 17.35 23.26
CA GLY A 167 -8.37 16.95 23.23
C GLY A 167 -8.94 16.53 21.89
N ALA A 168 -10.25 16.69 21.72
CA ALA A 168 -10.97 16.33 20.50
C ALA A 168 -12.44 16.70 20.65
N ARG A 169 -12.90 17.72 19.93
CA ARG A 169 -14.28 18.16 20.02
C ARG A 169 -15.12 18.06 18.74
N VAL A 170 -16.40 18.43 18.86
CA VAL A 170 -17.37 18.42 17.75
C VAL A 170 -18.19 19.72 17.76
N ILE A 171 -18.45 20.26 16.57
CA ILE A 171 -19.23 21.49 16.42
C ILE A 171 -20.50 21.25 15.62
N THR A 172 -21.63 21.74 16.12
CA THR A 172 -22.91 21.53 15.47
C THR A 172 -23.93 22.68 15.57
N TRP A 173 -24.92 22.63 14.69
CA TRP A 173 -25.98 23.66 14.65
C TRP A 173 -27.30 23.16 15.23
N LYS A 174 -27.22 22.22 16.15
CA LYS A 174 -28.39 21.65 16.83
C LYS A 174 -28.05 21.67 18.32
N ASN A 175 -28.98 21.29 19.18
CA ASN A 175 -28.68 21.31 20.60
C ASN A 175 -28.39 19.88 21.09
N ILE A 176 -27.26 19.71 21.77
CA ILE A 176 -26.85 18.41 22.30
C ILE A 176 -26.03 18.60 23.57
N ASP A 177 -26.39 17.88 24.63
CA ASP A 177 -25.67 18.00 25.90
C ASP A 177 -24.58 16.95 26.08
N LEU A 178 -23.34 17.40 26.02
CA LEU A 178 -22.17 16.55 26.19
C LEU A 178 -21.04 17.50 26.55
N PRO A 179 -20.10 17.05 27.39
CA PRO A 179 -18.98 17.89 27.79
C PRO A 179 -17.98 18.21 26.67
N TYR A 180 -18.22 17.70 25.46
CA TYR A 180 -17.31 17.92 24.35
C TYR A 180 -17.92 18.51 23.08
N VAL A 181 -19.23 18.66 23.04
CA VAL A 181 -19.91 19.20 21.85
C VAL A 181 -20.05 20.72 21.87
N GLU A 182 -20.37 21.29 20.70
CA GLU A 182 -20.56 22.73 20.54
C GLU A 182 -21.77 22.96 19.64
N SER A 183 -22.65 23.88 20.05
CA SER A 183 -23.85 24.17 19.29
C SER A 183 -23.90 25.64 18.86
N VAL A 184 -24.33 25.86 17.62
CA VAL A 184 -24.41 27.21 17.06
C VAL A 184 -25.66 27.34 16.17
N SER A 185 -25.97 28.57 15.78
CA SER A 185 -27.13 28.88 14.94
C SER A 185 -27.39 27.96 13.73
N THR A 186 -26.75 28.24 12.61
CA THR A 186 -26.93 27.43 11.39
C THR A 186 -25.66 26.74 10.94
N GLU A 187 -25.75 25.93 9.90
CA GLU A 187 -24.58 25.22 9.40
C GLU A 187 -23.56 26.23 8.88
N LYS A 188 -24.05 27.35 8.35
CA LYS A 188 -23.19 28.39 7.82
C LYS A 188 -22.29 28.92 8.93
N GLU A 189 -22.91 29.20 10.08
CA GLU A 189 -22.18 29.72 11.23
C GLU A 189 -21.32 28.61 11.82
N MET A 190 -21.63 27.38 11.45
CA MET A 190 -20.87 26.22 11.90
C MET A 190 -19.58 26.21 11.09
N ILE A 191 -19.72 26.32 9.77
CA ILE A 191 -18.59 26.33 8.86
C ILE A 191 -17.65 27.50 9.13
N LYS A 192 -18.18 28.65 9.53
CA LYS A 192 -17.31 29.79 9.83
C LYS A 192 -16.57 29.50 11.12
N ARG A 193 -17.23 28.80 12.03
CA ARG A 193 -16.63 28.48 13.32
C ARG A 193 -15.43 27.57 13.04
N PHE A 194 -15.65 26.55 12.21
CA PHE A 194 -14.63 25.58 11.81
C PHE A 194 -13.37 26.24 11.25
N LEU A 195 -13.59 27.15 10.29
CA LEU A 195 -12.49 27.87 9.64
C LEU A 195 -11.70 28.69 10.65
N LYS A 196 -12.41 29.31 11.58
CA LYS A 196 -11.76 30.13 12.60
C LYS A 196 -10.89 29.29 13.52
N VAL A 197 -11.20 28.00 13.63
CA VAL A 197 -10.42 27.10 14.47
C VAL A 197 -9.04 26.85 13.87
N ILE A 198 -9.03 26.29 12.67
CA ILE A 198 -7.79 26.00 11.95
C ILE A 198 -6.92 27.24 11.86
N GLN A 199 -7.54 28.38 11.57
CA GLN A 199 -6.84 29.64 11.47
C GLN A 199 -6.06 29.91 12.77
N GLU A 200 -6.62 29.44 13.88
CA GLU A 200 -6.04 29.61 15.22
C GLU A 200 -4.85 28.71 15.53
N LYS A 201 -5.04 27.40 15.37
CA LYS A 201 -3.98 26.42 15.63
C LYS A 201 -2.94 26.43 14.52
N ASP A 202 -3.42 26.66 13.29
CA ASP A 202 -2.58 26.72 12.10
C ASP A 202 -1.74 25.45 11.91
N PRO A 203 -2.38 24.32 11.60
CA PRO A 203 -1.70 23.04 11.40
C PRO A 203 -0.81 22.99 10.16
N ASP A 204 0.30 22.27 10.28
CA ASP A 204 1.23 22.07 9.18
C ASP A 204 0.70 20.88 8.35
N VAL A 205 0.04 19.96 9.05
CA VAL A 205 -0.49 18.72 8.47
C VAL A 205 -1.96 18.44 8.84
N LEU A 206 -2.84 18.35 7.84
CA LEU A 206 -4.24 18.04 8.07
C LEU A 206 -4.44 16.57 7.72
N ILE A 207 -5.00 15.80 8.65
CA ILE A 207 -5.21 14.37 8.41
C ILE A 207 -6.68 14.01 8.20
N THR A 208 -6.96 13.16 7.23
CA THR A 208 -8.33 12.72 6.94
C THR A 208 -8.36 11.28 6.44
N TYR A 209 -9.57 10.76 6.30
CA TYR A 209 -9.78 9.39 5.81
C TYR A 209 -10.66 9.59 4.58
N ASN A 210 -10.14 9.25 3.40
CA ASN A 210 -10.87 9.43 2.13
C ASN A 210 -11.24 10.91 1.92
N GLY A 211 -10.43 11.80 2.49
CA GLY A 211 -10.66 13.22 2.34
C GLY A 211 -10.44 13.70 0.90
N ASP A 212 -9.79 12.87 0.08
CA ASP A 212 -9.55 13.23 -1.32
C ASP A 212 -10.80 13.07 -2.17
N ASN A 213 -11.73 12.25 -1.70
CA ASN A 213 -12.94 11.98 -2.47
C ASN A 213 -14.28 12.35 -1.86
N PHE A 214 -14.31 12.85 -0.64
CA PHE A 214 -15.59 13.19 -0.04
C PHE A 214 -15.63 14.48 0.76
N ASP A 215 -14.95 14.47 1.90
CA ASP A 215 -14.92 15.59 2.83
C ASP A 215 -14.64 16.99 2.27
N PHE A 216 -13.68 17.12 1.36
CA PHE A 216 -13.40 18.44 0.78
C PHE A 216 -14.40 18.79 -0.32
N ALA A 217 -14.87 17.77 -1.03
CA ALA A 217 -15.82 17.97 -2.12
C ALA A 217 -17.24 18.22 -1.61
N TYR A 218 -17.39 18.29 -0.29
CA TYR A 218 -18.71 18.54 0.27
C TYR A 218 -18.67 19.91 0.93
N LEU A 219 -17.75 20.09 1.87
CA LEU A 219 -17.58 21.36 2.56
C LEU A 219 -17.50 22.50 1.55
N LYS A 220 -17.16 22.15 0.32
CA LYS A 220 -17.05 23.13 -0.76
C LYS A 220 -18.43 23.44 -1.36
N LYS A 221 -19.03 22.42 -1.98
CA LYS A 221 -20.33 22.56 -2.64
C LYS A 221 -21.35 23.24 -1.74
N ARG A 222 -21.50 22.73 -0.52
CA ARG A 222 -22.43 23.29 0.43
C ARG A 222 -21.87 24.53 1.11
N SER A 223 -21.06 25.29 0.38
CA SER A 223 -20.47 26.52 0.92
C SER A 223 -20.58 27.58 -0.15
N GLU A 224 -20.68 27.12 -1.40
CA GLU A 224 -20.81 28.01 -2.53
C GLU A 224 -22.23 28.59 -2.46
N MET A 225 -23.12 27.85 -1.81
CA MET A 225 -24.49 28.28 -1.65
C MET A 225 -24.76 28.94 -0.29
N LEU A 226 -24.08 28.51 0.75
CA LEU A 226 -24.24 29.14 2.06
C LEU A 226 -23.55 30.49 2.01
N GLY A 227 -22.94 30.77 0.86
CA GLY A 227 -22.26 32.03 0.65
C GLY A 227 -21.04 32.28 1.52
N VAL A 228 -20.20 31.27 1.68
CA VAL A 228 -19.00 31.42 2.49
C VAL A 228 -17.76 31.08 1.67
N LYS A 229 -16.62 31.65 2.03
CA LYS A 229 -15.38 31.38 1.32
C LYS A 229 -14.49 30.45 2.12
N PHE A 230 -14.50 29.18 1.70
CA PHE A 230 -13.75 28.12 2.36
C PHE A 230 -12.24 28.29 2.18
N ILE A 231 -11.65 29.16 3.00
CA ILE A 231 -10.22 29.45 2.92
C ILE A 231 -9.37 28.70 3.96
N LEU A 232 -8.41 27.89 3.50
CA LEU A 232 -7.53 27.13 4.40
C LEU A 232 -6.03 27.25 4.11
N GLY A 233 -5.69 27.58 2.88
CA GLY A 233 -4.29 27.71 2.52
C GLY A 233 -3.60 28.91 3.15
N ARG A 234 -2.39 28.69 3.67
CA ARG A 234 -1.63 29.78 4.30
C ARG A 234 -1.41 30.95 3.36
N ASP A 235 -1.83 30.81 2.10
CA ASP A 235 -1.67 31.89 1.13
C ASP A 235 -3.02 32.55 0.85
N GLY A 236 -4.06 32.07 1.53
CA GLY A 236 -5.39 32.62 1.39
C GLY A 236 -6.26 32.05 0.30
N SER A 237 -5.86 30.93 -0.27
CA SER A 237 -6.65 30.34 -1.34
C SER A 237 -7.54 29.26 -0.79
N GLU A 238 -8.34 28.67 -1.67
CA GLU A 238 -9.23 27.58 -1.31
C GLU A 238 -8.55 26.27 -1.72
N PRO A 239 -8.90 25.16 -1.06
CA PRO A 239 -8.29 23.88 -1.40
C PRO A 239 -8.40 23.56 -2.89
N LYS A 240 -7.29 23.10 -3.46
CA LYS A 240 -7.20 22.77 -4.89
C LYS A 240 -7.48 21.31 -5.23
N ILE A 241 -8.68 21.06 -5.73
CA ILE A 241 -9.11 19.72 -6.09
C ILE A 241 -8.57 19.28 -7.46
N GLN A 242 -7.53 18.45 -7.44
CA GLN A 242 -6.90 17.95 -8.67
C GLN A 242 -7.35 16.54 -9.03
N ARG A 243 -6.79 16.00 -10.11
CA ARG A 243 -7.12 14.65 -10.56
C ARG A 243 -5.90 13.76 -10.74
N MET A 244 -5.92 12.59 -10.10
CA MET A 244 -4.84 11.62 -10.16
C MET A 244 -5.12 10.51 -11.16
N GLY A 245 -5.69 9.42 -10.67
CA GLY A 245 -6.02 8.29 -11.52
C GLY A 245 -7.37 8.51 -12.16
N ASP A 246 -8.34 7.69 -11.80
CA ASP A 246 -9.68 7.85 -12.35
C ASP A 246 -10.52 8.51 -11.25
N ARG A 247 -9.89 8.73 -10.10
CA ARG A 247 -10.55 9.37 -8.97
C ARG A 247 -9.82 10.70 -8.71
N PHE A 248 -9.96 11.28 -7.52
CA PHE A 248 -9.33 12.57 -7.24
C PHE A 248 -8.51 12.68 -5.97
N ALA A 249 -7.83 13.83 -5.82
CA ALA A 249 -7.00 14.15 -4.66
C ALA A 249 -7.02 15.67 -4.40
N VAL A 250 -6.95 16.05 -3.13
CA VAL A 250 -7.00 17.46 -2.75
C VAL A 250 -5.72 17.98 -2.09
N GLU A 251 -5.39 19.22 -2.42
CA GLU A 251 -4.17 19.88 -1.93
C GLU A 251 -4.52 21.17 -1.17
N VAL A 252 -3.69 21.52 -0.18
CA VAL A 252 -3.91 22.73 0.62
C VAL A 252 -2.62 23.53 0.76
N LYS A 253 -2.47 24.56 -0.06
CA LYS A 253 -1.27 25.39 -0.07
C LYS A 253 -0.75 25.79 1.31
N GLY A 254 0.56 25.62 1.50
CA GLY A 254 1.19 25.96 2.77
C GLY A 254 1.16 24.80 3.74
N ARG A 255 0.16 23.93 3.60
CA ARG A 255 0.00 22.78 4.49
C ARG A 255 0.30 21.45 3.79
N ILE A 256 -0.12 20.35 4.42
CA ILE A 256 0.06 19.01 3.87
C ILE A 256 -1.21 18.20 4.14
N HIS A 257 -1.96 17.90 3.09
CA HIS A 257 -3.16 17.10 3.25
C HIS A 257 -2.81 15.61 3.14
N PHE A 258 -2.82 14.95 4.29
CA PHE A 258 -2.50 13.53 4.43
C PHE A 258 -3.75 12.65 4.45
N ASP A 259 -4.08 11.99 3.34
CA ASP A 259 -5.25 11.12 3.30
C ASP A 259 -4.82 9.67 3.63
N LEU A 260 -5.23 9.14 4.77
CA LEU A 260 -4.83 7.79 5.17
C LEU A 260 -5.21 6.67 4.21
N TYR A 261 -6.39 6.73 3.63
CA TYR A 261 -6.86 5.68 2.71
C TYR A 261 -5.82 5.04 1.78
N PRO A 262 -5.16 5.84 0.92
CA PRO A 262 -4.16 5.30 -0.01
C PRO A 262 -3.06 4.47 0.67
N VAL A 263 -2.46 5.04 1.71
CA VAL A 263 -1.40 4.39 2.48
C VAL A 263 -1.89 3.04 3.03
N ILE A 264 -2.95 3.10 3.85
CA ILE A 264 -3.55 1.93 4.46
C ILE A 264 -3.94 0.84 3.47
N ARG A 265 -4.34 1.24 2.28
CA ARG A 265 -4.74 0.29 1.26
C ARG A 265 -3.46 -0.23 0.60
N ARG A 266 -2.33 -0.01 1.27
CA ARG A 266 -1.03 -0.42 0.75
C ARG A 266 -0.09 -0.95 1.83
N THR A 267 -0.24 -0.46 3.06
CA THR A 267 0.61 -0.90 4.16
C THR A 267 0.00 -2.05 4.96
N ILE A 268 -1.33 -2.11 4.98
CA ILE A 268 -2.06 -3.15 5.68
C ILE A 268 -2.95 -3.89 4.70
N ASN A 269 -2.81 -5.21 4.63
CA ASN A 269 -3.63 -5.99 3.72
C ASN A 269 -4.85 -6.57 4.44
N LEU A 270 -6.03 -6.27 3.91
CA LEU A 270 -7.29 -6.74 4.47
C LEU A 270 -8.29 -7.01 3.35
N PRO A 271 -9.29 -7.87 3.59
CA PRO A 271 -10.31 -8.17 2.58
C PRO A 271 -11.09 -6.92 2.23
N THR A 272 -11.71 -6.33 3.24
CA THR A 272 -12.51 -5.12 3.10
C THR A 272 -12.06 -4.11 4.15
N TYR A 273 -11.54 -2.96 3.69
CA TYR A 273 -11.07 -1.91 4.58
C TYR A 273 -12.20 -0.98 4.99
N THR A 274 -12.10 -0.46 6.21
CA THR A 274 -13.09 0.47 6.74
C THR A 274 -12.48 1.11 7.97
N LEU A 275 -12.81 2.37 8.22
CA LEU A 275 -12.24 3.09 9.36
C LEU A 275 -12.25 2.25 10.63
N GLU A 276 -13.38 1.59 10.92
CA GLU A 276 -13.45 0.76 12.11
C GLU A 276 -12.69 -0.55 11.89
N THR A 277 -12.63 -1.01 10.64
CA THR A 277 -11.90 -2.23 10.32
C THR A 277 -10.44 -1.96 10.64
N VAL A 278 -9.80 -1.17 9.77
CA VAL A 278 -8.40 -0.78 9.89
C VAL A 278 -7.98 -0.29 11.27
N TYR A 279 -8.94 0.15 12.08
CA TYR A 279 -8.61 0.66 13.40
C TYR A 279 -8.30 -0.44 14.41
N GLU A 280 -8.90 -1.61 14.20
CA GLU A 280 -8.72 -2.74 15.11
C GLU A 280 -7.35 -3.42 14.94
N PRO A 281 -6.93 -3.67 13.69
CA PRO A 281 -5.65 -4.31 13.37
C PRO A 281 -4.43 -3.46 13.70
N VAL A 282 -4.61 -2.15 13.78
CA VAL A 282 -3.48 -1.29 14.09
C VAL A 282 -3.07 -1.41 15.55
N PHE A 283 -4.02 -1.39 16.48
CA PHE A 283 -3.61 -1.52 17.87
C PHE A 283 -4.53 -1.99 18.98
N GLY A 284 -5.35 -3.01 18.72
CA GLY A 284 -6.16 -3.51 19.81
C GLY A 284 -7.66 -3.66 19.90
N GLN A 285 -8.43 -2.60 19.69
CA GLN A 285 -9.87 -2.72 19.86
C GLN A 285 -10.82 -1.99 18.92
N PRO A 286 -12.12 -2.34 18.98
CA PRO A 286 -13.26 -1.83 18.21
C PRO A 286 -13.74 -0.39 18.38
N LYS A 287 -14.63 -0.03 17.46
CA LYS A 287 -15.32 1.25 17.34
C LYS A 287 -16.66 0.74 16.77
N GLU A 288 -17.65 1.61 16.57
CA GLU A 288 -18.94 1.15 16.04
C GLU A 288 -19.45 1.76 14.73
N LYS A 289 -20.14 0.97 13.89
CA LYS A 289 -20.71 1.53 12.66
C LYS A 289 -21.83 0.90 11.90
N VAL A 290 -22.29 1.75 10.98
CA VAL A 290 -23.38 1.61 10.04
C VAL A 290 -24.61 2.17 10.69
N TYR A 291 -24.90 3.41 10.33
CA TYR A 291 -26.06 4.14 10.88
C TYR A 291 -27.11 4.40 9.84
N ALA A 292 -28.29 4.51 10.37
CA ALA A 292 -29.51 4.87 9.67
C ALA A 292 -30.12 5.67 10.81
N GLU A 293 -29.29 5.82 11.86
CA GLU A 293 -29.63 6.55 13.07
C GLU A 293 -29.72 8.05 12.77
N GLU A 294 -29.10 8.45 11.66
CA GLU A 294 -29.15 9.85 11.25
C GLU A 294 -30.61 10.15 10.96
N ILE A 295 -31.33 9.13 10.48
CA ILE A 295 -32.74 9.25 10.16
C ILE A 295 -33.54 9.45 11.45
N ALA A 296 -33.18 8.69 12.48
CA ALA A 296 -33.85 8.77 13.77
C ALA A 296 -33.64 10.16 14.40
N ARG A 297 -32.41 10.67 14.32
CA ARG A 297 -32.11 11.98 14.88
C ARG A 297 -32.83 13.08 14.12
N ALA A 298 -33.07 12.85 12.83
CA ALA A 298 -33.77 13.83 12.00
C ALA A 298 -35.24 13.95 12.38
N TRP A 299 -35.84 12.80 12.73
CA TRP A 299 -37.26 12.76 13.09
C TRP A 299 -37.60 13.14 14.53
N GLU A 300 -36.67 12.87 15.44
CA GLU A 300 -36.82 13.17 16.85
C GLU A 300 -35.79 14.24 17.16
N SER A 301 -36.05 15.07 18.15
CA SER A 301 -35.10 16.11 18.48
C SER A 301 -34.24 15.61 19.63
N GLY A 302 -34.95 15.05 20.62
CA GLY A 302 -34.34 14.55 21.82
C GLY A 302 -33.02 13.82 21.76
N GLU A 303 -33.04 12.56 21.30
CA GLU A 303 -31.83 11.78 21.26
C GLU A 303 -31.58 10.74 20.14
N GLY A 304 -30.80 9.72 20.46
CA GLY A 304 -30.39 8.80 19.40
C GLY A 304 -29.23 9.68 18.98
N LEU A 305 -29.59 10.94 18.74
CA LEU A 305 -28.69 12.03 18.39
C LEU A 305 -27.50 12.09 19.34
N GLU A 306 -27.78 12.12 20.64
CA GLU A 306 -26.71 12.23 21.64
C GLU A 306 -25.77 11.03 21.56
N ARG A 307 -26.12 10.05 20.74
CA ARG A 307 -25.27 8.89 20.56
C ARG A 307 -24.44 9.13 19.32
N VAL A 308 -25.08 9.63 18.27
CA VAL A 308 -24.40 9.92 17.01
C VAL A 308 -23.26 10.92 17.20
N ALA A 309 -23.36 11.74 18.23
CA ALA A 309 -22.31 12.71 18.51
C ALA A 309 -21.04 11.93 18.81
N ARG A 310 -21.17 10.90 19.65
CA ARG A 310 -20.05 10.04 20.03
C ARG A 310 -19.36 9.49 18.79
N TYR A 311 -20.16 9.00 17.84
CA TYR A 311 -19.64 8.46 16.60
C TYR A 311 -18.59 9.40 16.03
N SER A 312 -18.97 10.67 15.94
CA SER A 312 -18.09 11.68 15.40
C SER A 312 -16.76 11.81 16.09
N MET A 313 -16.74 12.34 17.31
CA MET A 313 -15.48 12.51 18.00
C MET A 313 -14.65 11.25 17.92
N GLU A 314 -15.30 10.11 17.70
CA GLU A 314 -14.58 8.85 17.57
C GLU A 314 -13.93 8.72 16.19
N ASP A 315 -14.64 9.11 15.15
CA ASP A 315 -14.05 9.07 13.82
C ASP A 315 -12.84 9.98 13.89
N ALA A 316 -13.06 11.14 14.50
CA ALA A 316 -12.02 12.15 14.65
C ALA A 316 -10.78 11.71 15.42
N LYS A 317 -10.97 10.90 16.46
CA LYS A 317 -9.84 10.45 17.25
C LYS A 317 -9.17 9.25 16.60
N ALA A 318 -9.99 8.31 16.12
CA ALA A 318 -9.48 7.12 15.46
C ALA A 318 -8.64 7.54 14.27
N THR A 319 -8.92 8.75 13.78
CA THR A 319 -8.22 9.29 12.65
C THR A 319 -6.88 9.90 13.04
N TYR A 320 -6.91 10.73 14.08
CA TYR A 320 -5.69 11.40 14.55
C TYR A 320 -4.60 10.46 15.01
N GLU A 321 -4.97 9.28 15.49
CA GLU A 321 -3.96 8.37 16.00
C GLU A 321 -3.46 7.31 15.03
N LEU A 322 -4.22 7.06 13.97
CA LEU A 322 -3.76 6.13 12.95
C LEU A 322 -2.79 6.96 12.08
N GLY A 323 -3.13 8.24 11.89
CA GLY A 323 -2.27 9.09 11.10
C GLY A 323 -0.93 9.28 11.80
N LYS A 324 -0.98 9.25 13.12
CA LYS A 324 0.21 9.43 13.94
C LYS A 324 1.03 8.13 13.88
N GLU A 325 0.42 7.09 13.33
CA GLU A 325 1.04 5.77 13.23
C GLU A 325 1.73 5.51 11.89
N PHE A 326 1.20 6.08 10.80
CA PHE A 326 1.79 5.87 9.48
C PHE A 326 2.56 7.07 8.91
N PHE A 327 2.67 8.15 9.67
CA PHE A 327 3.38 9.34 9.21
C PHE A 327 4.91 9.15 9.09
N PRO A 328 5.55 8.56 10.12
CA PRO A 328 6.99 8.33 10.11
C PRO A 328 7.57 7.62 8.88
N MET A 329 7.02 6.46 8.53
CA MET A 329 7.50 5.72 7.36
C MET A 329 7.32 6.51 6.07
N GLU A 330 6.21 7.23 5.95
CA GLU A 330 5.96 8.02 4.76
C GLU A 330 6.91 9.23 4.68
N ALA A 331 7.27 9.79 5.83
CA ALA A 331 8.17 10.93 5.86
C ALA A 331 9.59 10.51 5.48
N GLN A 332 10.03 9.33 5.94
CA GLN A 332 11.38 8.86 5.61
C GLN A 332 11.45 8.46 4.14
N LEU A 333 10.35 7.95 3.60
CA LEU A 333 10.31 7.57 2.20
C LEU A 333 10.49 8.84 1.38
N SER A 334 9.90 9.94 1.86
CA SER A 334 10.01 11.23 1.18
C SER A 334 11.46 11.71 1.12
N ARG A 335 12.12 11.70 2.27
CA ARG A 335 13.52 12.14 2.35
C ARG A 335 14.43 11.23 1.53
N LEU A 336 14.21 9.93 1.56
CA LEU A 336 15.04 9.00 0.80
C LEU A 336 14.91 9.20 -0.73
N VAL A 337 13.67 9.38 -1.18
CA VAL A 337 13.31 9.55 -2.58
C VAL A 337 13.48 10.96 -3.17
N GLY A 338 13.39 12.00 -2.34
CA GLY A 338 13.57 13.35 -2.84
C GLY A 338 12.36 14.11 -3.39
N GLN A 339 11.17 13.73 -2.95
CA GLN A 339 9.95 14.38 -3.38
C GLN A 339 9.05 14.61 -2.16
N SER A 340 8.02 15.44 -2.30
CA SER A 340 7.15 15.77 -1.17
C SER A 340 6.30 14.61 -0.65
N LEU A 341 5.88 14.74 0.61
CA LEU A 341 5.07 13.72 1.26
C LEU A 341 3.68 13.64 0.64
N TRP A 342 3.20 14.75 0.08
CA TRP A 342 1.88 14.79 -0.55
C TRP A 342 1.88 13.75 -1.66
N ASP A 343 2.86 13.84 -2.56
CA ASP A 343 3.00 12.93 -3.70
C ASP A 343 3.44 11.50 -3.33
N VAL A 344 4.39 11.39 -2.42
CA VAL A 344 4.91 10.09 -2.02
C VAL A 344 3.86 9.22 -1.33
N SER A 345 3.06 9.81 -0.45
CA SER A 345 2.04 9.04 0.26
C SER A 345 0.95 8.56 -0.67
N ARG A 346 0.94 9.06 -1.89
CA ARG A 346 -0.09 8.67 -2.84
C ARG A 346 0.42 7.86 -4.03
N SER A 347 1.71 7.48 -4.03
CA SER A 347 2.25 6.72 -5.16
C SER A 347 2.60 5.26 -4.85
N SER A 348 2.77 4.50 -5.92
CA SER A 348 3.13 3.08 -5.82
C SER A 348 4.65 2.95 -5.64
N THR A 349 5.11 1.79 -5.20
CA THR A 349 6.53 1.60 -5.02
C THR A 349 7.26 1.77 -6.35
N GLY A 350 6.60 1.36 -7.44
CA GLY A 350 7.20 1.52 -8.76
C GLY A 350 7.60 2.97 -9.01
N ASN A 351 6.68 3.89 -8.73
CA ASN A 351 6.95 5.31 -8.90
C ASN A 351 8.00 5.82 -7.94
N LEU A 352 8.09 5.21 -6.75
CA LEU A 352 9.09 5.65 -5.79
C LEU A 352 10.46 5.37 -6.38
N VAL A 353 10.63 4.17 -6.95
CA VAL A 353 11.91 3.83 -7.54
C VAL A 353 12.22 4.80 -8.66
N GLU A 354 11.26 5.04 -9.54
CA GLU A 354 11.47 5.96 -10.66
C GLU A 354 12.00 7.30 -10.17
N TRP A 355 11.25 7.96 -9.29
CA TRP A 355 11.68 9.24 -8.74
C TRP A 355 13.10 9.18 -8.17
N PHE A 356 13.51 8.03 -7.63
CA PHE A 356 14.85 7.84 -7.08
C PHE A 356 15.92 7.76 -8.20
N LEU A 357 15.60 7.07 -9.29
CA LEU A 357 16.52 6.94 -10.42
C LEU A 357 16.72 8.24 -11.19
N LEU A 358 15.66 9.04 -11.35
CA LEU A 358 15.75 10.31 -12.07
C LEU A 358 16.69 11.27 -11.38
N ARG A 359 16.72 11.22 -10.05
CA ARG A 359 17.57 12.10 -9.27
C ARG A 359 19.01 11.69 -9.45
N LYS A 360 19.28 10.39 -9.34
CA LYS A 360 20.63 9.89 -9.50
C LYS A 360 21.13 10.12 -10.93
N ALA A 361 20.25 9.92 -11.90
CA ALA A 361 20.59 10.12 -13.30
C ALA A 361 21.09 11.55 -13.52
N TYR A 362 20.40 12.53 -12.94
CA TYR A 362 20.82 13.91 -13.08
C TYR A 362 22.20 14.05 -12.41
N GLU A 363 22.30 13.55 -11.18
CA GLU A 363 23.54 13.62 -10.43
C GLU A 363 24.74 13.12 -11.19
N ARG A 364 24.54 12.08 -11.98
CA ARG A 364 25.64 11.47 -12.72
C ARG A 364 25.65 11.74 -14.22
N ASN A 365 24.91 12.74 -14.66
CA ASN A 365 24.87 13.08 -16.06
C ASN A 365 24.50 11.92 -17.01
N ASP A 366 23.52 11.11 -16.60
CA ASP A 366 23.00 9.98 -17.39
C ASP A 366 21.61 10.42 -17.95
N VAL A 367 21.44 10.41 -19.26
CA VAL A 367 20.16 10.82 -19.86
C VAL A 367 19.10 9.74 -19.65
N ALA A 368 17.88 10.15 -19.35
CA ALA A 368 16.82 9.20 -19.07
C ALA A 368 15.97 8.74 -20.24
N PRO A 369 15.56 7.48 -20.21
CA PRO A 369 14.70 6.86 -21.25
C PRO A 369 13.30 7.45 -21.05
N ASN A 370 12.44 7.30 -22.06
CA ASN A 370 11.07 7.81 -21.98
C ASN A 370 10.08 6.76 -21.52
N LYS A 371 8.90 7.19 -21.12
CA LYS A 371 7.85 6.27 -20.73
C LYS A 371 7.38 5.62 -22.04
N PRO A 372 6.66 4.50 -21.95
CA PRO A 372 6.15 3.79 -23.12
C PRO A 372 4.94 4.48 -23.75
N ASP A 373 4.84 4.45 -25.08
CA ASP A 373 3.71 5.04 -25.78
C ASP A 373 2.69 3.90 -25.86
N GLU A 374 1.53 4.15 -26.48
CA GLU A 374 0.49 3.14 -26.59
C GLU A 374 0.89 1.72 -27.00
N ARG A 375 1.70 1.59 -28.05
CA ARG A 375 2.10 0.28 -28.52
C ARG A 375 3.17 -0.41 -27.69
N GLU A 376 4.21 0.33 -27.31
CA GLU A 376 5.28 -0.23 -26.50
C GLU A 376 4.64 -0.79 -25.24
N LEU A 377 3.80 0.03 -24.63
CA LEU A 377 3.10 -0.34 -23.42
C LEU A 377 2.20 -1.54 -23.64
N ALA A 378 1.70 -1.68 -24.87
CA ALA A 378 0.83 -2.78 -25.22
C ALA A 378 1.59 -4.09 -25.16
N ARG A 379 2.78 -4.09 -25.75
CA ARG A 379 3.62 -5.29 -25.77
C ARG A 379 3.98 -5.73 -24.35
N ARG A 380 4.53 -4.80 -23.58
CA ARG A 380 4.97 -5.05 -22.22
C ARG A 380 3.97 -5.69 -21.27
N THR A 381 2.79 -6.09 -21.74
CA THR A 381 1.81 -6.69 -20.84
C THR A 381 1.78 -8.21 -20.87
N GLU A 382 2.62 -8.83 -21.70
CA GLU A 382 2.64 -10.28 -21.76
C GLU A 382 3.49 -10.83 -20.62
N SER A 383 2.81 -11.26 -19.55
CA SER A 383 3.45 -11.77 -18.33
C SER A 383 4.41 -12.97 -18.41
N TYR A 384 5.11 -13.19 -17.29
CA TYR A 384 6.09 -14.26 -17.11
C TYR A 384 5.48 -15.49 -16.45
N ALA A 385 4.87 -15.28 -15.28
CA ALA A 385 4.24 -16.36 -14.52
C ALA A 385 2.74 -16.11 -14.31
N LYS A 390 9.02 -27.17 -6.25
CA LYS A 390 8.30 -28.44 -6.55
C LYS A 390 7.19 -28.73 -5.53
N GLU A 391 6.49 -29.84 -5.72
CA GLU A 391 5.42 -30.23 -4.81
C GLU A 391 5.96 -30.53 -3.41
N PRO A 392 5.15 -30.21 -2.38
CA PRO A 392 5.47 -30.40 -0.96
C PRO A 392 5.30 -31.85 -0.49
N GLU A 393 6.16 -32.31 0.41
CA GLU A 393 6.03 -33.67 0.95
C GLU A 393 4.64 -33.76 1.56
N LYS A 394 4.11 -34.98 1.69
CA LYS A 394 2.79 -35.15 2.26
C LYS A 394 2.84 -35.79 3.64
N GLY A 395 1.79 -35.59 4.42
CA GLY A 395 1.74 -36.14 5.75
C GLY A 395 2.09 -35.17 6.86
N LEU A 396 2.21 -35.71 8.09
CA LEU A 396 2.52 -34.93 9.28
C LEU A 396 3.99 -35.14 9.67
N TRP A 397 4.73 -34.05 9.92
CA TRP A 397 6.15 -34.16 10.29
C TRP A 397 6.43 -33.37 11.56
N GLU A 398 7.60 -33.59 12.15
CA GLU A 398 8.00 -32.88 13.38
C GLU A 398 9.48 -32.46 13.46
N ASN A 399 9.78 -31.54 14.38
CA ASN A 399 11.13 -30.99 14.58
C ASN A 399 11.57 -30.34 13.28
N ILE A 400 10.89 -29.25 12.94
CA ILE A 400 11.13 -28.56 11.69
C ILE A 400 11.72 -27.16 11.76
N VAL A 401 12.78 -26.96 10.99
CA VAL A 401 13.44 -25.67 10.89
C VAL A 401 13.05 -24.99 9.56
N TYR A 402 13.09 -23.66 9.53
CA TYR A 402 12.79 -22.90 8.33
C TYR A 402 14.02 -22.05 8.06
N LEU A 403 14.67 -22.25 6.92
CA LEU A 403 15.85 -21.47 6.61
C LEU A 403 15.55 -20.34 5.62
N ASP A 404 15.79 -19.13 6.07
CA ASP A 404 15.50 -17.90 5.32
C ASP A 404 16.66 -17.34 4.49
N TYR A 405 16.32 -16.75 3.35
CA TYR A 405 17.31 -16.16 2.44
C TYR A 405 17.31 -14.63 2.62
N LYS A 406 18.49 -14.06 2.78
CA LYS A 406 18.64 -12.61 3.00
C LYS A 406 18.87 -11.77 1.75
N SER A 407 17.87 -10.98 1.35
CA SER A 407 18.00 -10.14 0.16
C SER A 407 18.31 -10.88 -1.14
N LEU A 408 17.65 -12.00 -1.37
CA LEU A 408 17.89 -12.80 -2.57
C LEU A 408 18.09 -12.01 -3.88
N TYR A 409 17.03 -11.34 -4.36
CA TYR A 409 17.12 -10.62 -5.62
C TYR A 409 18.07 -9.43 -5.70
N PRO A 410 17.93 -8.42 -4.82
CA PRO A 410 18.89 -7.30 -4.92
C PRO A 410 20.33 -7.83 -4.80
N SER A 411 20.48 -8.94 -4.10
CA SER A 411 21.78 -9.60 -3.93
C SER A 411 22.33 -10.13 -5.28
N ILE A 412 21.46 -10.80 -6.03
CA ILE A 412 21.82 -11.35 -7.34
C ILE A 412 22.07 -10.18 -8.31
N ILE A 413 21.29 -9.14 -8.18
CA ILE A 413 21.47 -8.01 -9.07
C ILE A 413 22.87 -7.42 -8.98
N ILE A 414 23.36 -7.21 -7.75
CA ILE A 414 24.68 -6.67 -7.53
C ILE A 414 25.76 -7.66 -7.95
N THR A 415 25.69 -8.89 -7.42
CA THR A 415 26.70 -9.91 -7.74
C THR A 415 26.91 -10.18 -9.24
N HIS A 416 25.83 -10.29 -10.01
CA HIS A 416 26.02 -10.53 -11.44
C HIS A 416 26.01 -9.27 -12.32
N ASN A 417 25.85 -8.10 -11.70
CA ASN A 417 25.88 -6.83 -12.40
C ASN A 417 24.82 -6.78 -13.52
N VAL A 418 23.59 -7.07 -13.14
CA VAL A 418 22.44 -7.10 -14.05
C VAL A 418 21.79 -5.71 -14.25
N SER A 419 21.88 -5.17 -15.46
CA SER A 419 21.33 -3.85 -15.73
C SER A 419 21.00 -3.73 -17.23
N PRO A 420 20.08 -2.82 -17.60
CA PRO A 420 19.76 -2.66 -19.01
C PRO A 420 20.99 -2.22 -19.81
N ASP A 421 21.91 -1.52 -19.15
CA ASP A 421 23.11 -1.03 -19.82
C ASP A 421 24.27 -2.02 -19.91
N THR A 422 24.08 -3.23 -19.42
CA THR A 422 25.15 -4.22 -19.50
C THR A 422 24.66 -5.48 -20.25
N LEU A 423 23.41 -5.43 -20.69
CA LEU A 423 22.74 -6.51 -21.40
C LEU A 423 23.37 -6.84 -22.77
N ASN A 424 23.73 -8.11 -22.98
CA ASN A 424 24.33 -8.57 -24.24
C ASN A 424 25.17 -7.52 -24.97
N ARG A 425 26.22 -6.99 -24.36
CA ARG A 425 27.00 -5.98 -25.05
C ARG A 425 28.03 -6.58 -25.98
N GLU A 426 28.27 -5.92 -27.11
CA GLU A 426 29.22 -6.39 -28.10
C GLU A 426 30.66 -6.10 -27.71
N GLY A 427 31.54 -7.06 -27.98
CA GLY A 427 32.95 -6.93 -27.66
C GLY A 427 33.27 -6.99 -26.17
N CYS A 428 32.33 -7.53 -25.39
CA CYS A 428 32.51 -7.66 -23.96
C CYS A 428 33.60 -8.72 -23.73
N ARG A 429 34.60 -8.40 -22.92
CA ARG A 429 35.67 -9.36 -22.65
C ARG A 429 35.39 -10.30 -21.48
N GLU A 430 34.57 -9.87 -20.52
CA GLU A 430 34.20 -10.68 -19.36
C GLU A 430 32.69 -10.59 -19.05
N TYR A 431 32.04 -11.73 -18.89
CA TYR A 431 30.60 -11.72 -18.65
C TYR A 431 30.05 -12.98 -17.97
N ASP A 432 28.89 -12.82 -17.33
CA ASP A 432 28.24 -13.94 -16.67
C ASP A 432 27.06 -14.37 -17.55
N VAL A 433 26.60 -15.62 -17.41
CA VAL A 433 25.50 -16.07 -18.25
C VAL A 433 24.27 -16.48 -17.44
N ALA A 434 23.12 -15.92 -17.78
CA ALA A 434 21.88 -16.22 -17.06
C ALA A 434 21.40 -17.64 -17.34
N PRO A 435 21.27 -18.42 -16.26
CA PRO A 435 20.80 -19.81 -16.32
C PRO A 435 20.07 -20.34 -17.55
N GLN A 436 18.77 -20.52 -17.46
CA GLN A 436 18.08 -21.11 -18.62
C GLN A 436 17.86 -20.14 -19.76
N VAL A 437 17.99 -18.85 -19.45
CA VAL A 437 17.73 -17.73 -20.35
C VAL A 437 18.97 -17.08 -21.02
N GLY A 438 20.07 -17.84 -21.11
CA GLY A 438 21.32 -17.41 -21.74
C GLY A 438 21.76 -15.98 -21.94
N HIS A 439 21.07 -15.03 -21.33
CA HIS A 439 21.46 -13.62 -21.46
C HIS A 439 22.88 -13.38 -20.85
N ARG A 440 23.71 -12.61 -21.55
CA ARG A 440 25.06 -12.29 -21.09
C ARG A 440 25.11 -10.90 -20.49
N PHE A 441 25.60 -10.79 -19.26
CA PHE A 441 25.70 -9.48 -18.63
C PHE A 441 27.16 -9.14 -18.48
N CYS A 442 27.55 -8.03 -19.11
CA CYS A 442 28.93 -7.56 -19.12
C CYS A 442 29.46 -7.11 -17.77
N LYS A 443 30.68 -7.51 -17.46
CA LYS A 443 31.31 -7.09 -16.20
C LYS A 443 32.55 -6.24 -16.42
N ASP A 444 32.69 -5.62 -17.59
CA ASP A 444 33.87 -4.80 -17.84
C ASP A 444 33.78 -3.46 -17.09
N PHE A 445 32.60 -3.18 -16.52
CA PHE A 445 32.38 -1.94 -15.78
C PHE A 445 31.08 -2.03 -14.99
N PRO A 446 30.95 -1.26 -13.90
CA PRO A 446 29.76 -1.28 -13.05
C PRO A 446 28.48 -0.87 -13.79
N GLY A 447 27.38 -1.56 -13.49
CA GLY A 447 26.12 -1.23 -14.14
C GLY A 447 25.38 -0.11 -13.43
N PHE A 448 24.67 0.72 -14.19
CA PHE A 448 23.92 1.82 -13.59
C PHE A 448 23.14 1.46 -12.33
N ILE A 449 22.11 0.61 -12.47
CA ILE A 449 21.28 0.21 -11.33
C ILE A 449 22.10 -0.47 -10.21
N PRO A 450 22.91 -1.50 -10.55
CA PRO A 450 23.74 -2.23 -9.59
C PRO A 450 24.53 -1.33 -8.62
N SER A 451 25.19 -0.30 -9.16
CA SER A 451 25.96 0.63 -8.35
C SER A 451 25.07 1.31 -7.33
N LEU A 452 23.92 1.81 -7.78
CA LEU A 452 22.99 2.48 -6.87
C LEU A 452 22.46 1.52 -5.79
N LEU A 453 22.11 0.28 -6.15
CA LEU A 453 21.62 -0.69 -5.17
C LEU A 453 22.73 -1.00 -4.16
N GLY A 454 23.95 -1.13 -4.66
CA GLY A 454 25.08 -1.41 -3.80
C GLY A 454 25.26 -0.31 -2.78
N ASP A 455 25.16 0.94 -3.24
CA ASP A 455 25.31 2.07 -2.34
C ASP A 455 24.18 2.11 -1.32
N LEU A 456 22.98 1.73 -1.72
CA LEU A 456 21.86 1.72 -0.80
C LEU A 456 22.06 0.73 0.36
N LEU A 457 22.37 -0.53 0.04
CA LEU A 457 22.55 -1.56 1.07
C LEU A 457 23.60 -1.27 2.14
N GLU A 458 24.78 -0.78 1.75
CA GLU A 458 25.80 -0.50 2.75
C GLU A 458 25.42 0.75 3.55
N GLU A 459 24.48 1.52 3.00
CA GLU A 459 24.01 2.71 3.69
C GLU A 459 23.12 2.23 4.83
N ARG A 460 22.26 1.27 4.52
CA ARG A 460 21.37 0.72 5.53
C ARG A 460 22.20 0.20 6.69
N GLN A 461 23.32 -0.45 6.37
CA GLN A 461 24.18 -0.99 7.42
C GLN A 461 24.88 0.06 8.28
N LYS A 462 25.14 1.25 7.74
CA LYS A 462 25.77 2.28 8.54
C LYS A 462 24.73 2.88 9.50
N VAL A 463 23.47 2.91 9.06
CA VAL A 463 22.39 3.43 9.90
C VAL A 463 22.13 2.44 11.05
N LYS A 464 22.30 1.15 10.78
CA LYS A 464 22.07 0.17 11.82
C LYS A 464 23.09 0.27 12.93
N LYS A 465 24.36 0.45 12.58
CA LYS A 465 25.39 0.58 13.61
C LYS A 465 25.04 1.77 14.47
N LYS A 466 24.65 2.85 13.81
CA LYS A 466 24.30 4.06 14.53
C LYS A 466 23.07 3.87 15.41
N MET A 467 22.11 3.08 14.94
CA MET A 467 20.91 2.84 15.73
C MET A 467 21.18 1.94 16.94
N LYS A 468 22.14 1.04 16.80
CA LYS A 468 22.49 0.12 17.89
C LYS A 468 23.46 0.75 18.90
N ALA A 469 23.96 1.93 18.58
CA ALA A 469 24.92 2.59 19.46
C ALA A 469 24.37 3.84 20.15
N THR A 470 23.21 4.33 19.71
CA THR A 470 22.63 5.53 20.31
C THR A 470 21.83 5.14 21.55
N VAL A 471 21.70 6.04 22.50
CA VAL A 471 20.99 5.68 23.72
C VAL A 471 19.67 6.45 23.90
N ASP A 472 19.46 7.48 23.09
CA ASP A 472 18.23 8.28 23.19
C ASP A 472 17.04 7.69 22.41
N PRO A 473 15.95 7.38 23.10
CA PRO A 473 14.73 6.81 22.53
C PRO A 473 14.21 7.48 21.27
N ILE A 474 14.31 8.79 21.22
CA ILE A 474 13.82 9.54 20.06
C ILE A 474 14.70 9.36 18.84
N GLU A 475 16.02 9.44 19.00
CA GLU A 475 16.87 9.25 17.84
C GLU A 475 16.83 7.78 17.39
N ARG A 476 16.77 6.86 18.35
CA ARG A 476 16.73 5.45 18.03
C ARG A 476 15.53 5.09 17.15
N LYS A 477 14.40 5.74 17.41
CA LYS A 477 13.18 5.48 16.64
C LYS A 477 13.33 6.04 15.22
N LEU A 478 13.89 7.25 15.12
CA LEU A 478 14.08 7.87 13.83
C LEU A 478 15.01 7.05 12.93
N LEU A 479 16.16 6.67 13.47
CA LEU A 479 17.13 5.88 12.72
C LEU A 479 16.52 4.53 12.35
N ASP A 480 15.62 4.03 13.18
CA ASP A 480 14.99 2.76 12.88
C ASP A 480 14.10 2.88 11.63
N TYR A 481 13.28 3.93 11.53
CA TYR A 481 12.43 4.07 10.36
C TYR A 481 13.24 4.32 9.09
N ARG A 482 14.24 5.20 9.19
CA ARG A 482 15.11 5.49 8.07
C ARG A 482 15.69 4.17 7.55
N GLN A 483 16.05 3.29 8.48
CA GLN A 483 16.61 1.99 8.15
C GLN A 483 15.63 1.06 7.42
N ARG A 484 14.36 1.07 7.82
CA ARG A 484 13.34 0.23 7.17
C ARG A 484 12.95 0.70 5.77
N ALA A 485 12.97 2.02 5.56
CA ALA A 485 12.63 2.59 4.27
C ALA A 485 13.65 2.16 3.20
N ILE A 486 14.93 2.15 3.54
CA ILE A 486 15.93 1.72 2.56
C ILE A 486 15.60 0.30 2.14
N LYS A 487 15.05 -0.48 3.07
CA LYS A 487 14.72 -1.86 2.76
C LYS A 487 13.53 -1.94 1.79
N ILE A 488 12.44 -1.21 2.09
CA ILE A 488 11.27 -1.20 1.22
C ILE A 488 11.66 -0.80 -0.20
N LEU A 489 12.48 0.24 -0.34
CA LEU A 489 12.91 0.69 -1.65
C LEU A 489 13.76 -0.39 -2.34
N ALA A 490 14.80 -0.87 -1.66
CA ALA A 490 15.65 -1.92 -2.22
C ALA A 490 14.88 -3.14 -2.73
N ASN A 491 13.89 -3.60 -1.97
CA ASN A 491 13.16 -4.77 -2.43
C ASN A 491 12.13 -4.47 -3.52
N SER A 492 12.18 -3.26 -4.08
CA SER A 492 11.26 -2.86 -5.12
C SER A 492 11.89 -2.84 -6.50
N TYR A 493 13.22 -2.92 -6.56
CA TYR A 493 13.90 -2.91 -7.85
C TYR A 493 13.49 -4.07 -8.79
N TYR A 494 13.44 -5.27 -8.25
CA TYR A 494 13.06 -6.42 -9.05
C TYR A 494 11.72 -6.19 -9.75
N GLY A 495 10.69 -5.84 -8.99
CA GLY A 495 9.39 -5.61 -9.59
C GLY A 495 9.39 -4.47 -10.58
N TYR A 496 10.24 -3.49 -10.34
CA TYR A 496 10.35 -2.33 -11.21
C TYR A 496 10.79 -2.73 -12.63
N TYR A 497 11.82 -3.57 -12.70
CA TYR A 497 12.35 -4.04 -13.99
C TYR A 497 11.24 -4.57 -14.90
N ALA A 498 10.21 -5.16 -14.29
CA ALA A 498 9.08 -5.71 -15.02
C ALA A 498 7.87 -4.78 -15.02
N TYR A 499 8.04 -3.56 -14.55
CA TYR A 499 6.95 -2.58 -14.53
C TYR A 499 6.75 -1.96 -15.94
N ALA A 500 5.62 -2.29 -16.57
CA ALA A 500 5.29 -1.81 -17.92
C ALA A 500 5.50 -0.32 -18.19
N ASN A 501 5.12 0.51 -17.21
CA ASN A 501 5.24 1.96 -17.33
C ASN A 501 6.61 2.50 -16.91
N ALA A 502 7.55 1.59 -16.62
CA ALA A 502 8.89 1.99 -16.18
C ALA A 502 9.83 2.46 -17.29
N ARG A 503 10.51 3.58 -17.04
CA ARG A 503 11.45 4.15 -18.01
C ARG A 503 12.62 3.20 -18.26
N TRP A 504 13.21 2.69 -17.17
CA TRP A 504 14.35 1.77 -17.24
C TRP A 504 13.91 0.29 -17.28
N TYR A 505 12.79 0.05 -17.95
CA TYR A 505 12.22 -1.29 -18.15
C TYR A 505 13.25 -2.28 -18.78
N CYS A 506 13.20 -3.54 -18.36
CA CYS A 506 14.13 -4.56 -18.89
C CYS A 506 13.63 -5.98 -18.61
N ARG A 507 12.91 -6.58 -19.57
CA ARG A 507 12.40 -7.95 -19.41
C ARG A 507 13.50 -9.00 -19.33
N GLU A 508 14.61 -8.77 -20.03
CA GLU A 508 15.73 -9.71 -19.99
C GLU A 508 16.35 -9.73 -18.59
N CYS A 509 16.32 -8.59 -17.90
CA CYS A 509 16.86 -8.50 -16.54
C CYS A 509 15.97 -9.26 -15.54
N ALA A 510 14.66 -9.01 -15.59
CA ALA A 510 13.70 -9.69 -14.72
C ALA A 510 13.75 -11.20 -14.82
N GLU A 511 13.58 -11.74 -16.03
CA GLU A 511 13.63 -13.19 -16.21
C GLU A 511 14.94 -13.76 -15.69
N SER A 512 16.04 -13.05 -15.92
CA SER A 512 17.35 -13.51 -15.47
C SER A 512 17.45 -13.58 -13.94
N VAL A 513 17.06 -12.50 -13.25
CA VAL A 513 17.11 -12.48 -11.80
C VAL A 513 16.27 -13.62 -11.23
N THR A 514 15.18 -13.96 -11.92
CA THR A 514 14.30 -15.06 -11.52
C THR A 514 14.94 -16.44 -11.75
N ALA A 515 15.67 -16.57 -12.84
CA ALA A 515 16.34 -17.83 -13.19
C ALA A 515 17.50 -18.15 -12.23
N TRP A 516 18.32 -17.14 -11.92
CA TRP A 516 19.43 -17.29 -10.97
C TRP A 516 18.87 -17.62 -9.59
N GLY A 517 17.74 -17.02 -9.25
CA GLY A 517 17.13 -17.30 -7.97
C GLY A 517 16.87 -18.79 -7.80
N ARG A 518 16.37 -19.48 -8.84
CA ARG A 518 16.08 -20.91 -8.70
C ARG A 518 17.32 -21.77 -8.71
N GLN A 519 18.37 -21.31 -9.37
CA GLN A 519 19.57 -22.10 -9.38
C GLN A 519 20.18 -22.10 -7.96
N TYR A 520 20.25 -20.93 -7.33
CA TYR A 520 20.80 -20.86 -5.95
C TYR A 520 20.01 -21.66 -4.91
N ILE A 521 18.67 -21.58 -4.96
CA ILE A 521 17.86 -22.33 -3.99
C ILE A 521 17.99 -23.82 -4.24
N GLU A 522 18.16 -24.17 -5.52
CA GLU A 522 18.34 -25.56 -5.94
C GLU A 522 19.60 -26.17 -5.38
N THR A 523 20.73 -25.49 -5.55
CA THR A 523 22.00 -26.01 -5.05
C THR A 523 22.09 -26.01 -3.52
N THR A 524 21.45 -25.05 -2.86
CA THR A 524 21.51 -25.01 -1.40
C THR A 524 20.76 -26.19 -0.83
N MET A 525 19.57 -26.46 -1.35
CA MET A 525 18.76 -27.59 -0.90
C MET A 525 19.40 -28.95 -1.22
N ARG A 526 20.32 -28.97 -2.17
CA ARG A 526 20.99 -30.21 -2.54
C ARG A 526 22.14 -30.49 -1.58
N GLU A 527 22.79 -29.44 -1.13
CA GLU A 527 23.90 -29.56 -0.19
C GLU A 527 23.40 -30.13 1.14
N ILE A 528 22.42 -29.46 1.73
CA ILE A 528 21.91 -29.90 3.01
C ILE A 528 21.40 -31.35 3.02
N GLU A 529 20.90 -31.84 1.89
CA GLU A 529 20.42 -33.23 1.85
C GLU A 529 21.50 -34.28 1.67
N GLU A 530 22.39 -34.04 0.70
CA GLU A 530 23.46 -34.99 0.39
C GLU A 530 24.69 -34.93 1.31
N LYS A 531 24.84 -33.84 2.06
CA LYS A 531 25.99 -33.73 2.94
C LYS A 531 25.70 -33.55 4.42
N PHE A 532 24.45 -33.26 4.76
CA PHE A 532 24.08 -33.11 6.17
C PHE A 532 22.92 -33.97 6.62
N GLY A 533 22.40 -34.80 5.72
CA GLY A 533 21.32 -35.69 6.08
C GLY A 533 19.91 -35.14 6.29
N PHE A 534 19.64 -33.92 5.85
CA PHE A 534 18.30 -33.36 5.99
C PHE A 534 17.36 -33.81 4.85
N LYS A 535 16.08 -33.47 4.97
CA LYS A 535 15.07 -33.77 3.96
C LYS A 535 14.17 -32.54 3.82
N VAL A 536 14.25 -31.90 2.66
CA VAL A 536 13.46 -30.71 2.40
C VAL A 536 11.98 -31.07 2.21
N LEU A 537 11.09 -30.35 2.90
CA LEU A 537 9.66 -30.65 2.85
C LEU A 537 8.81 -29.65 2.05
N TYR A 538 9.27 -28.41 1.98
CA TYR A 538 8.53 -27.35 1.30
C TYR A 538 9.53 -26.26 0.95
N ALA A 539 9.35 -25.62 -0.20
CA ALA A 539 10.24 -24.55 -0.65
C ALA A 539 9.43 -23.39 -1.23
N ASP A 540 9.87 -22.18 -0.93
CA ASP A 540 9.24 -20.95 -1.37
C ASP A 540 10.26 -20.33 -2.29
N THR A 541 9.93 -19.18 -2.84
CA THR A 541 10.87 -18.50 -3.71
C THR A 541 12.12 -18.16 -2.90
N ASP A 542 11.96 -18.02 -1.58
CA ASP A 542 13.08 -17.66 -0.71
C ASP A 542 13.63 -18.68 0.29
N GLY A 543 12.80 -19.06 1.26
CA GLY A 543 13.24 -20.00 2.27
C GLY A 543 12.62 -21.35 2.08
N PHE A 544 12.87 -22.26 3.00
CA PHE A 544 12.32 -23.60 2.94
C PHE A 544 12.29 -24.30 4.28
N PHE A 545 11.37 -25.25 4.42
CA PHE A 545 11.21 -26.03 5.63
C PHE A 545 11.99 -27.34 5.48
N ALA A 546 12.68 -27.75 6.53
CA ALA A 546 13.46 -28.98 6.52
C ALA A 546 13.64 -29.59 7.92
N THR A 547 14.08 -30.84 7.94
CA THR A 547 14.32 -31.58 9.17
C THR A 547 15.16 -32.81 8.92
N ILE A 548 15.60 -33.44 10.00
CA ILE A 548 16.35 -34.69 9.91
C ILE A 548 15.36 -35.67 10.51
N PRO A 549 14.80 -36.57 9.67
CA PRO A 549 13.83 -37.57 10.12
C PRO A 549 14.29 -38.44 11.31
N GLY A 550 13.49 -38.42 12.38
CA GLY A 550 13.79 -39.20 13.57
C GLY A 550 14.87 -38.70 14.51
N ALA A 551 15.14 -37.39 14.53
CA ALA A 551 16.16 -36.84 15.42
C ALA A 551 15.60 -35.90 16.50
N ASP A 552 16.38 -35.79 17.57
CA ASP A 552 16.03 -34.93 18.70
C ASP A 552 15.90 -33.47 18.22
N ALA A 553 14.99 -32.72 18.83
CA ALA A 553 14.78 -31.33 18.47
C ALA A 553 16.07 -30.53 18.55
N GLU A 554 16.86 -30.76 19.60
CA GLU A 554 18.11 -30.02 19.73
C GLU A 554 19.12 -30.52 18.72
N THR A 555 18.97 -31.77 18.30
CA THR A 555 19.88 -32.33 17.31
C THR A 555 19.63 -31.65 15.97
N VAL A 556 18.39 -31.24 15.73
CA VAL A 556 18.06 -30.58 14.47
C VAL A 556 18.48 -29.10 14.47
N LYS A 557 18.25 -28.41 15.58
CA LYS A 557 18.62 -27.00 15.68
C LYS A 557 20.12 -26.83 15.53
N ASN A 558 20.88 -27.68 16.19
CA ASN A 558 22.32 -27.55 16.12
C ASN A 558 22.91 -27.94 14.77
N LYS A 559 22.42 -29.04 14.21
CA LYS A 559 22.90 -29.53 12.92
C LYS A 559 22.62 -28.49 11.84
N ALA A 560 21.52 -27.75 11.98
CA ALA A 560 21.15 -26.72 11.01
C ALA A 560 22.09 -25.51 11.10
N LYS A 561 22.62 -25.25 12.30
CA LYS A 561 23.55 -24.13 12.50
C LYS A 561 24.89 -24.51 11.86
N GLU A 562 25.28 -25.78 11.97
CA GLU A 562 26.54 -26.22 11.38
C GLU A 562 26.48 -26.06 9.88
N PHE A 563 25.31 -26.30 9.30
CA PHE A 563 25.09 -26.18 7.86
C PHE A 563 25.26 -24.72 7.42
N LEU A 564 24.57 -23.81 8.11
CA LEU A 564 24.66 -22.42 7.75
C LEU A 564 26.10 -21.94 7.57
N ASN A 565 26.91 -21.98 8.62
CA ASN A 565 28.27 -21.50 8.44
C ASN A 565 29.21 -22.46 7.70
N TYR A 566 28.64 -23.20 6.76
CA TYR A 566 29.38 -24.10 5.88
C TYR A 566 29.00 -23.72 4.45
N ILE A 567 27.76 -23.32 4.26
CA ILE A 567 27.23 -22.94 2.95
C ILE A 567 27.49 -21.47 2.60
N ASN A 568 27.47 -20.59 3.61
CA ASN A 568 27.70 -19.17 3.36
C ASN A 568 29.08 -18.82 2.85
N PRO A 569 30.14 -19.42 3.42
CA PRO A 569 31.46 -19.08 2.91
C PRO A 569 31.57 -19.63 1.47
N ARG A 570 30.66 -20.54 1.12
CA ARG A 570 30.63 -21.12 -0.22
C ARG A 570 29.75 -20.36 -1.21
N LEU A 571 28.91 -19.46 -0.69
CA LEU A 571 28.03 -18.66 -1.53
C LEU A 571 28.70 -17.39 -2.00
N PRO A 572 28.58 -17.08 -3.31
CA PRO A 572 29.19 -15.87 -3.89
C PRO A 572 28.42 -14.60 -3.52
N GLY A 573 29.13 -13.49 -3.45
CA GLY A 573 28.48 -12.23 -3.16
C GLY A 573 28.00 -11.98 -1.75
N LEU A 574 26.85 -11.31 -1.67
CA LEU A 574 26.26 -10.95 -0.38
C LEU A 574 25.15 -11.88 0.10
N LEU A 575 24.78 -12.89 -0.69
CA LEU A 575 23.67 -13.76 -0.28
C LEU A 575 24.01 -14.70 0.88
N GLU A 576 23.03 -14.91 1.76
CA GLU A 576 23.19 -15.77 2.94
C GLU A 576 21.88 -16.44 3.35
N LEU A 577 22.00 -17.58 4.02
CA LEU A 577 20.85 -18.28 4.57
C LEU A 577 20.85 -17.86 6.04
N GLU A 578 19.68 -17.59 6.58
CA GLU A 578 19.58 -17.15 7.96
C GLU A 578 18.56 -17.97 8.76
N TYR A 579 18.95 -18.48 9.94
CA TYR A 579 18.04 -19.26 10.77
C TYR A 579 16.81 -18.37 10.99
N GLU A 580 15.62 -18.92 10.84
CA GLU A 580 14.41 -18.14 11.02
C GLU A 580 13.55 -18.61 12.17
N GLY A 581 13.34 -19.92 12.25
CA GLY A 581 12.51 -20.45 13.33
C GLY A 581 12.50 -21.97 13.46
N PHE A 582 11.77 -22.45 14.47
CA PHE A 582 11.65 -23.87 14.73
C PHE A 582 10.17 -24.18 14.97
N TYR A 583 9.71 -25.33 14.49
CA TYR A 583 8.31 -25.71 14.68
C TYR A 583 8.25 -27.15 15.16
N ARG A 584 7.32 -27.45 16.08
CA ARG A 584 7.20 -28.80 16.61
C ARG A 584 6.49 -29.74 15.64
N ARG A 585 5.47 -29.24 14.95
CA ARG A 585 4.74 -30.04 13.96
C ARG A 585 4.16 -29.19 12.84
N GLY A 586 3.95 -29.82 11.69
CA GLY A 586 3.38 -29.14 10.54
C GLY A 586 3.12 -30.08 9.36
N PHE A 587 2.26 -29.62 8.45
CA PHE A 587 1.92 -30.37 7.25
C PHE A 587 1.70 -29.40 6.11
N PHE A 588 2.14 -29.78 4.93
CA PHE A 588 2.05 -28.92 3.77
C PHE A 588 1.14 -29.52 2.73
N VAL A 589 0.09 -28.79 2.38
CA VAL A 589 -0.92 -29.24 1.44
C VAL A 589 -0.66 -29.04 -0.07
N THR A 590 -0.30 -27.82 -0.49
CA THR A 590 -0.02 -27.58 -1.89
C THR A 590 1.06 -26.53 -2.02
N LYS A 591 1.17 -25.91 -3.19
CA LYS A 591 2.20 -24.91 -3.41
C LYS A 591 2.14 -23.65 -2.54
N LYS A 592 1.01 -23.42 -1.89
CA LYS A 592 0.91 -22.24 -1.02
C LYS A 592 -0.10 -22.40 0.12
N LYS A 593 -0.22 -23.63 0.61
CA LYS A 593 -1.14 -23.93 1.69
C LYS A 593 -0.48 -24.82 2.74
N TYR A 594 -0.43 -24.35 3.98
CA TYR A 594 0.19 -25.12 5.03
C TYR A 594 -0.15 -24.61 6.43
N ALA A 595 0.21 -25.38 7.44
CA ALA A 595 -0.06 -25.04 8.83
C ALA A 595 1.08 -25.54 9.71
N VAL A 596 1.56 -24.67 10.59
CA VAL A 596 2.65 -25.01 11.50
C VAL A 596 2.40 -24.50 12.92
N ILE A 597 3.05 -25.15 13.89
CA ILE A 597 2.90 -24.77 15.28
C ILE A 597 4.29 -24.62 15.93
N ASP A 598 4.54 -23.44 16.49
CA ASP A 598 5.82 -23.16 17.14
C ASP A 598 5.87 -23.85 18.50
N GLU A 599 6.98 -23.66 19.21
CA GLU A 599 7.12 -24.29 20.51
C GLU A 599 6.17 -23.72 21.55
N GLU A 600 5.83 -22.44 21.41
CA GLU A 600 4.93 -21.79 22.36
C GLU A 600 3.46 -22.14 22.07
N ASP A 601 3.26 -23.14 21.20
CA ASP A 601 1.94 -23.63 20.81
C ASP A 601 1.13 -22.74 19.88
N LYS A 602 1.76 -21.71 19.31
CA LYS A 602 1.07 -20.81 18.38
C LYS A 602 0.96 -21.46 16.99
N ILE A 603 -0.24 -21.39 16.41
CA ILE A 603 -0.51 -21.97 15.10
C ILE A 603 -0.62 -20.96 13.96
N THR A 604 0.11 -21.23 12.88
CA THR A 604 0.07 -20.36 11.71
C THR A 604 -0.29 -21.18 10.48
N THR A 605 -1.05 -20.56 9.58
CA THR A 605 -1.51 -21.22 8.35
C THR A 605 -1.45 -20.25 7.18
N ARG A 606 -1.34 -20.79 5.97
CA ARG A 606 -1.30 -19.96 4.78
C ARG A 606 -2.32 -20.52 3.77
N GLY A 607 -3.30 -19.69 3.39
CA GLY A 607 -4.30 -20.11 2.44
C GLY A 607 -5.22 -21.24 2.85
N LEU A 608 -5.48 -21.36 4.15
CA LEU A 608 -6.37 -22.41 4.65
C LEU A 608 -7.57 -21.93 5.46
N GLU A 609 -7.42 -20.85 6.20
CA GLU A 609 -8.54 -20.36 7.00
C GLU A 609 -9.65 -19.74 6.18
N ILE A 610 -10.72 -19.32 6.86
CA ILE A 610 -11.90 -18.74 6.22
C ILE A 610 -11.70 -17.37 5.56
N VAL A 611 -11.82 -17.35 4.22
CA VAL A 611 -11.68 -16.13 3.41
C VAL A 611 -13.06 -15.55 3.14
N ARG A 612 -14.08 -16.23 3.65
CA ARG A 612 -15.45 -15.80 3.49
C ARG A 612 -15.76 -14.40 3.98
N ARG A 613 -17.01 -14.01 3.75
CA ARG A 613 -17.52 -12.72 4.16
C ARG A 613 -18.76 -13.04 5.00
N ASP A 614 -19.20 -14.29 4.91
CA ASP A 614 -20.37 -14.78 5.61
C ASP A 614 -20.04 -15.85 6.64
N TRP A 615 -18.85 -15.80 7.25
CA TRP A 615 -18.50 -16.82 8.23
C TRP A 615 -19.40 -16.78 9.47
N SER A 616 -19.48 -17.91 10.16
CA SER A 616 -20.29 -18.02 11.38
C SER A 616 -19.39 -18.51 12.50
N GLU A 617 -19.88 -18.39 13.72
CA GLU A 617 -19.14 -18.82 14.88
C GLU A 617 -18.82 -20.31 14.90
N ILE A 618 -19.84 -21.15 14.82
CA ILE A 618 -19.63 -22.59 14.86
C ILE A 618 -18.68 -23.13 13.79
N ALA A 619 -18.64 -22.46 12.63
CA ALA A 619 -17.75 -22.89 11.56
C ALA A 619 -16.29 -22.53 11.85
N LYS A 620 -16.09 -21.42 12.56
CA LYS A 620 -14.74 -20.97 12.88
C LYS A 620 -14.18 -21.73 14.07
N GLU A 621 -15.05 -22.16 14.97
CA GLU A 621 -14.62 -22.90 16.15
C GLU A 621 -14.21 -24.33 15.75
N THR A 622 -14.94 -24.95 14.83
CA THR A 622 -14.62 -26.31 14.44
C THR A 622 -13.29 -26.42 13.67
N GLN A 623 -13.02 -25.48 12.78
CA GLN A 623 -11.76 -25.50 12.03
C GLN A 623 -10.57 -25.33 12.96
N ALA A 624 -10.76 -24.58 14.04
CA ALA A 624 -9.71 -24.34 15.02
C ALA A 624 -9.45 -25.60 15.83
N ARG A 625 -10.50 -26.36 16.10
CA ARG A 625 -10.36 -27.60 16.87
C ARG A 625 -9.69 -28.68 16.04
N VAL A 626 -9.95 -28.67 14.73
CA VAL A 626 -9.35 -29.65 13.84
C VAL A 626 -7.84 -29.41 13.79
N LEU A 627 -7.45 -28.15 13.63
CA LEU A 627 -6.04 -27.78 13.57
C LEU A 627 -5.27 -28.03 14.87
N GLU A 628 -5.98 -28.02 16.00
CA GLU A 628 -5.35 -28.25 17.30
C GLU A 628 -5.08 -29.73 17.55
N ALA A 629 -6.02 -30.59 17.13
CA ALA A 629 -5.87 -32.05 17.31
C ALA A 629 -4.71 -32.58 16.49
N ILE A 630 -4.55 -32.03 15.29
CA ILE A 630 -3.50 -32.41 14.37
C ILE A 630 -2.14 -31.87 14.80
N LEU A 631 -2.04 -30.55 14.96
CA LEU A 631 -0.77 -29.90 15.29
C LEU A 631 -0.31 -29.91 16.74
N LYS A 632 -1.22 -29.64 17.67
CA LYS A 632 -0.85 -29.64 19.08
C LYS A 632 -0.79 -31.06 19.66
N HIS A 633 -1.70 -31.94 19.24
CA HIS A 633 -1.73 -33.32 19.74
C HIS A 633 -1.30 -34.46 18.83
N GLY A 634 -1.10 -34.15 17.54
CA GLY A 634 -0.67 -35.15 16.58
C GLY A 634 -1.61 -36.32 16.47
N ASP A 635 -2.91 -36.04 16.36
CA ASP A 635 -3.95 -37.07 16.28
C ASP A 635 -4.89 -36.79 15.10
N VAL A 636 -4.63 -37.42 13.97
CA VAL A 636 -5.49 -37.18 12.81
C VAL A 636 -6.90 -37.73 13.02
N GLU A 637 -6.99 -38.96 13.53
CA GLU A 637 -8.28 -39.59 13.75
C GLU A 637 -9.15 -38.86 14.79
N GLU A 638 -8.52 -38.05 15.64
CA GLU A 638 -9.29 -37.29 16.63
C GLU A 638 -9.93 -36.09 15.96
N ALA A 639 -9.26 -35.55 14.94
CA ALA A 639 -9.82 -34.41 14.23
C ALA A 639 -11.08 -34.85 13.51
N VAL A 640 -10.95 -35.97 12.77
CA VAL A 640 -12.05 -36.53 12.01
C VAL A 640 -13.22 -36.81 12.93
N ARG A 641 -12.95 -37.25 14.14
CA ARG A 641 -14.03 -37.54 15.06
C ARG A 641 -14.74 -36.25 15.48
N ILE A 642 -13.96 -35.23 15.80
CA ILE A 642 -14.52 -33.95 16.23
C ILE A 642 -15.52 -33.37 15.23
N VAL A 643 -15.28 -33.58 13.95
CA VAL A 643 -16.15 -33.05 12.92
C VAL A 643 -17.50 -33.78 12.79
N LYS A 644 -17.57 -35.02 13.28
CA LYS A 644 -18.81 -35.78 13.22
C LYS A 644 -19.68 -35.44 14.43
N GLU A 645 -19.03 -35.21 15.56
CA GLU A 645 -19.72 -34.85 16.77
C GLU A 645 -20.52 -33.60 16.45
N VAL A 646 -19.82 -32.57 15.98
CA VAL A 646 -20.42 -31.29 15.64
C VAL A 646 -21.56 -31.36 14.63
N THR A 647 -21.44 -32.14 13.57
CA THR A 647 -22.52 -32.22 12.60
C THR A 647 -23.69 -33.00 13.15
N GLU A 648 -23.43 -33.79 14.18
CA GLU A 648 -24.48 -34.59 14.79
C GLU A 648 -25.34 -33.72 15.69
N LYS A 649 -24.71 -32.89 16.52
CA LYS A 649 -25.44 -32.00 17.40
C LYS A 649 -26.22 -31.00 16.55
N LEU A 650 -25.55 -30.51 15.51
CA LEU A 650 -26.12 -29.52 14.61
C LEU A 650 -27.24 -30.13 13.77
N SER A 651 -27.28 -31.46 13.69
CA SER A 651 -28.31 -32.14 12.90
C SER A 651 -29.47 -32.52 13.82
N ARG A 652 -29.22 -32.44 15.13
CA ARG A 652 -30.25 -32.74 16.10
C ARG A 652 -30.63 -31.44 16.81
N HIS A 653 -30.59 -30.34 16.07
CA HIS A 653 -30.94 -29.01 16.57
C HIS A 653 -30.54 -28.82 18.03
N GLU A 654 -29.29 -29.17 18.36
CA GLU A 654 -28.79 -29.04 19.72
C GLU A 654 -27.80 -27.90 19.93
N VAL A 655 -27.16 -27.46 18.84
CA VAL A 655 -26.17 -26.38 18.89
C VAL A 655 -26.75 -25.05 19.37
N PRO A 656 -26.11 -24.40 20.35
CA PRO A 656 -26.55 -23.13 20.89
C PRO A 656 -26.73 -22.10 19.77
N PRO A 657 -27.98 -21.72 19.48
CA PRO A 657 -28.37 -20.76 18.43
C PRO A 657 -27.55 -19.48 18.35
N GLU A 658 -26.74 -19.24 19.38
CA GLU A 658 -25.91 -18.04 19.45
C GLU A 658 -24.73 -18.11 18.47
N LYS A 659 -24.08 -19.27 18.41
CA LYS A 659 -22.94 -19.49 17.53
C LYS A 659 -23.32 -19.58 16.06
N LEU A 660 -24.61 -19.40 15.76
CA LEU A 660 -25.07 -19.52 14.37
C LEU A 660 -25.30 -18.20 13.66
N VAL A 661 -25.17 -17.09 14.40
CA VAL A 661 -25.38 -15.75 13.84
C VAL A 661 -24.31 -15.39 12.80
N ILE A 662 -24.72 -14.67 11.76
CA ILE A 662 -23.82 -14.27 10.67
C ILE A 662 -24.00 -12.82 10.21
N TYR A 663 -22.94 -12.23 9.65
CA TYR A 663 -22.99 -10.83 9.16
C TYR A 663 -22.66 -10.68 7.67
N GLU A 664 -23.59 -10.08 6.93
CA GLU A 664 -23.47 -9.86 5.49
C GLU A 664 -23.13 -11.11 4.70
N GLY A 677 -34.06 -14.87 -2.68
CA GLY A 677 -32.78 -14.53 -1.97
C GLY A 677 -32.93 -14.33 -0.47
N PRO A 678 -31.90 -14.70 0.32
CA PRO A 678 -31.86 -14.59 1.79
C PRO A 678 -31.81 -13.14 2.27
N HIS A 679 -31.02 -12.32 1.59
CA HIS A 679 -30.89 -10.90 1.94
C HIS A 679 -32.21 -10.20 1.70
N VAL A 680 -32.81 -10.46 0.54
CA VAL A 680 -34.09 -9.89 0.15
C VAL A 680 -35.11 -10.16 1.25
N ALA A 681 -34.89 -11.24 1.99
CA ALA A 681 -35.78 -11.62 3.07
C ALA A 681 -35.57 -10.73 4.28
N VAL A 682 -34.33 -10.68 4.78
CA VAL A 682 -34.01 -9.87 5.96
C VAL A 682 -34.47 -8.41 5.77
N ALA A 683 -34.52 -7.97 4.52
CA ALA A 683 -34.93 -6.61 4.20
C ALA A 683 -36.43 -6.38 4.39
N LYS A 684 -37.17 -7.43 4.77
CA LYS A 684 -38.61 -7.31 4.96
C LYS A 684 -38.98 -7.17 6.43
N ARG A 685 -38.56 -8.10 7.27
CA ARG A 685 -38.87 -8.01 8.69
C ARG A 685 -38.07 -6.88 9.32
N LEU A 686 -37.30 -6.19 8.48
CA LEU A 686 -36.50 -5.07 8.95
C LEU A 686 -37.16 -3.80 8.43
N ALA A 687 -37.66 -3.86 7.19
CA ALA A 687 -38.36 -2.73 6.60
C ALA A 687 -39.72 -2.65 7.29
N ALA A 688 -39.91 -3.53 8.27
CA ALA A 688 -41.15 -3.58 9.05
C ALA A 688 -41.02 -2.61 10.21
N ARG A 689 -39.92 -2.72 10.93
CA ARG A 689 -39.67 -1.84 12.06
C ARG A 689 -39.46 -0.43 11.54
N GLY A 690 -39.73 -0.24 10.25
CA GLY A 690 -39.57 1.06 9.63
C GLY A 690 -38.11 1.39 9.41
N ILE A 691 -37.29 0.36 9.23
CA ILE A 691 -35.86 0.55 9.00
C ILE A 691 -35.53 0.24 7.54
N LYS A 692 -35.14 1.28 6.81
CA LYS A 692 -34.79 1.13 5.40
C LYS A 692 -33.35 0.62 5.26
N ILE A 693 -33.06 -0.03 4.15
CA ILE A 693 -31.72 -0.57 3.93
C ILE A 693 -31.16 -0.32 2.54
N ARG A 694 -29.95 0.24 2.50
CA ARG A 694 -29.29 0.51 1.24
C ARG A 694 -27.94 -0.22 1.19
N PRO A 695 -26.99 0.20 0.33
CA PRO A 695 -25.71 -0.54 0.29
C PRO A 695 -24.70 -0.61 1.44
N GLY A 696 -24.70 0.35 2.36
CA GLY A 696 -23.71 0.26 3.43
C GLY A 696 -24.21 -0.16 4.79
N THR A 697 -24.99 -1.24 4.88
CA THR A 697 -25.52 -1.60 6.20
C THR A 697 -25.19 -2.93 6.88
N VAL A 698 -25.63 -2.96 8.14
CA VAL A 698 -25.54 -4.04 9.11
C VAL A 698 -26.49 -5.20 8.83
N ILE A 699 -26.00 -6.35 8.41
CA ILE A 699 -26.96 -7.42 8.24
C ILE A 699 -26.54 -8.66 9.00
N SER A 700 -27.08 -8.75 10.20
CA SER A 700 -26.83 -9.86 11.11
C SER A 700 -28.12 -10.68 11.17
N TYR A 701 -28.05 -11.92 10.71
CA TYR A 701 -29.22 -12.80 10.70
C TYR A 701 -28.87 -14.21 11.13
N ILE A 702 -29.83 -15.12 10.97
CA ILE A 702 -29.67 -16.52 11.32
C ILE A 702 -30.58 -17.24 10.33
N VAL A 703 -30.10 -18.35 9.77
CA VAL A 703 -30.90 -19.09 8.81
C VAL A 703 -31.90 -20.06 9.43
N LEU A 704 -33.11 -20.06 8.90
CA LEU A 704 -34.18 -20.92 9.40
C LEU A 704 -34.65 -21.93 8.35
N LYS A 705 -35.53 -22.83 8.78
CA LYS A 705 -36.09 -23.88 7.94
C LYS A 705 -37.32 -23.30 7.26
N GLY A 706 -37.38 -23.39 5.93
CA GLY A 706 -38.52 -22.83 5.21
C GLY A 706 -39.02 -23.55 3.97
N PRO A 707 -40.22 -23.20 3.50
CA PRO A 707 -40.93 -23.72 2.34
C PRO A 707 -40.29 -23.51 0.97
N GLY A 708 -38.97 -23.31 0.93
CA GLY A 708 -38.30 -23.11 -0.35
C GLY A 708 -36.86 -23.59 -0.36
N ARG A 709 -36.02 -22.99 -1.21
CA ARG A 709 -34.61 -23.38 -1.27
C ARG A 709 -34.04 -23.47 0.14
N VAL A 710 -33.03 -24.31 0.31
CA VAL A 710 -32.41 -24.55 1.61
C VAL A 710 -31.72 -23.37 2.29
N GLY A 711 -31.47 -22.29 1.56
CA GLY A 711 -30.84 -21.15 2.19
C GLY A 711 -31.49 -19.79 1.95
N ASP A 712 -32.81 -19.75 1.82
CA ASP A 712 -33.50 -18.49 1.55
C ASP A 712 -34.45 -17.93 2.62
N ARG A 713 -34.51 -18.54 3.79
CA ARG A 713 -35.40 -18.01 4.82
C ARG A 713 -34.64 -17.64 6.09
N ALA A 714 -34.31 -16.36 6.22
CA ALA A 714 -33.60 -15.88 7.39
C ALA A 714 -34.27 -14.64 7.95
N ILE A 715 -33.94 -14.32 9.20
CA ILE A 715 -34.51 -13.18 9.90
C ILE A 715 -33.50 -12.58 10.89
N PRO A 716 -33.66 -11.28 11.21
CA PRO A 716 -32.76 -10.61 12.15
C PRO A 716 -32.64 -11.40 13.45
N PHE A 717 -31.45 -11.50 14.00
CA PHE A 717 -31.24 -12.24 15.24
C PHE A 717 -32.15 -11.74 16.37
N ASP A 718 -32.61 -10.49 16.25
CA ASP A 718 -33.52 -9.91 17.25
C ASP A 718 -34.73 -10.80 17.39
N GLU A 719 -35.45 -10.94 16.27
CA GLU A 719 -36.66 -11.73 16.18
C GLU A 719 -36.34 -13.23 16.21
N PHE A 720 -36.07 -13.77 17.39
CA PHE A 720 -35.77 -15.19 17.50
C PHE A 720 -36.27 -15.80 18.80
N ASP A 721 -37.13 -16.80 18.70
CA ASP A 721 -37.69 -17.48 19.87
C ASP A 721 -37.44 -18.99 19.81
N PRO A 722 -36.84 -19.55 20.88
CA PRO A 722 -36.55 -20.98 20.99
C PRO A 722 -37.78 -21.87 20.97
N ALA A 723 -38.88 -21.34 20.47
CA ALA A 723 -40.13 -22.10 20.40
C ALA A 723 -41.00 -21.69 19.22
N LYS A 724 -40.60 -20.64 18.52
CA LYS A 724 -41.35 -20.15 17.38
C LYS A 724 -40.55 -20.32 16.08
N HIS A 725 -39.23 -20.42 16.25
CA HIS A 725 -38.32 -20.59 15.12
C HIS A 725 -37.31 -21.71 15.41
N ARG A 726 -37.01 -22.53 14.41
CA ARG A 726 -36.03 -23.62 14.55
C ARG A 726 -34.92 -23.18 13.59
N TYR A 727 -33.78 -23.86 13.57
CA TYR A 727 -32.72 -23.44 12.64
C TYR A 727 -32.43 -24.48 11.55
N ASP A 728 -32.28 -23.99 10.31
CA ASP A 728 -32.02 -24.87 9.16
C ASP A 728 -30.72 -25.63 9.38
N ALA A 729 -30.83 -26.78 10.01
CA ALA A 729 -29.67 -27.62 10.32
C ALA A 729 -28.77 -27.96 9.14
N GLU A 730 -29.37 -28.21 7.98
CA GLU A 730 -28.58 -28.56 6.82
C GLU A 730 -27.83 -27.40 6.19
N TYR A 731 -28.32 -26.18 6.37
CA TYR A 731 -27.63 -25.04 5.80
C TYR A 731 -26.26 -24.95 6.45
N TYR A 732 -26.23 -25.11 7.77
CA TYR A 732 -24.97 -25.03 8.50
C TYR A 732 -24.04 -26.18 8.24
N ILE A 733 -24.58 -27.38 8.16
CA ILE A 733 -23.75 -28.56 7.91
C ILE A 733 -23.11 -28.56 6.52
N GLU A 734 -23.87 -28.11 5.54
CA GLU A 734 -23.40 -28.11 4.14
C GLU A 734 -22.81 -26.79 3.65
N ASN A 735 -23.55 -25.69 3.71
CA ASN A 735 -22.95 -24.47 3.20
C ASN A 735 -21.72 -23.99 3.99
N GLN A 736 -21.82 -24.07 5.33
CA GLN A 736 -20.79 -23.58 6.27
C GLN A 736 -19.72 -24.39 6.98
N VAL A 737 -20.16 -25.35 7.81
CA VAL A 737 -19.24 -26.19 8.56
C VAL A 737 -18.31 -27.10 7.73
N LEU A 738 -18.81 -27.87 6.77
CA LEU A 738 -17.88 -28.74 6.06
C LEU A 738 -16.84 -28.02 5.24
N PRO A 739 -17.26 -27.09 4.36
CA PRO A 739 -16.30 -26.36 3.54
C PRO A 739 -15.30 -25.53 4.36
N ALA A 740 -15.35 -25.65 5.69
CA ALA A 740 -14.41 -24.93 6.55
C ALA A 740 -13.30 -25.87 7.02
N VAL A 741 -13.45 -27.16 6.71
CA VAL A 741 -12.47 -28.17 7.09
C VAL A 741 -12.20 -29.19 5.98
N GLU A 742 -12.95 -29.14 4.88
CA GLU A 742 -12.75 -30.10 3.81
C GLU A 742 -11.33 -30.15 3.25
N ARG A 743 -10.74 -29.01 2.95
CA ARG A 743 -9.39 -28.99 2.37
C ARG A 743 -8.31 -29.57 3.30
N ILE A 744 -8.40 -29.28 4.59
CA ILE A 744 -7.42 -29.77 5.54
C ILE A 744 -7.44 -31.29 5.63
N LEU A 745 -8.62 -31.87 5.79
CA LEU A 745 -8.71 -33.32 5.89
C LEU A 745 -8.53 -34.04 4.55
N ARG A 746 -8.76 -33.35 3.44
CA ARG A 746 -8.59 -33.96 2.13
C ARG A 746 -7.10 -34.28 1.95
N ALA A 747 -6.25 -33.60 2.71
CA ALA A 747 -4.81 -33.83 2.65
C ALA A 747 -4.41 -35.09 3.44
N PHE A 748 -5.26 -35.50 4.37
CA PHE A 748 -4.94 -36.70 5.14
C PHE A 748 -5.68 -37.93 4.65
N GLY A 749 -6.26 -37.81 3.46
CA GLY A 749 -6.96 -38.93 2.85
C GLY A 749 -8.46 -39.05 2.97
N TYR A 750 -9.12 -38.11 3.64
CA TYR A 750 -10.58 -38.19 3.80
C TYR A 750 -11.34 -37.33 2.81
N ARG A 751 -12.62 -37.64 2.66
CA ARG A 751 -13.51 -36.90 1.79
C ARG A 751 -14.81 -36.50 2.47
N LYS A 752 -15.53 -35.62 1.82
CA LYS A 752 -16.82 -35.10 2.27
C LYS A 752 -17.67 -36.16 2.99
N GLU A 753 -17.81 -37.31 2.35
CA GLU A 753 -18.62 -38.42 2.85
C GLU A 753 -18.26 -39.01 4.22
N ASP A 754 -16.98 -38.95 4.59
CA ASP A 754 -16.55 -39.48 5.88
C ASP A 754 -16.64 -38.43 6.96
N LEU A 755 -17.50 -37.44 6.78
CA LEU A 755 -17.62 -36.37 7.76
C LEU A 755 -19.02 -36.16 8.32
N ARG A 756 -20.03 -36.71 7.64
CA ARG A 756 -21.42 -36.58 8.07
C ARG A 756 -21.83 -37.67 9.06
S SO4 B . 3.66 21.28 -15.24
O1 SO4 B . 3.01 22.41 -15.92
O2 SO4 B . 5.09 21.32 -15.50
O3 SO4 B . 3.40 21.35 -13.82
O4 SO4 B . 3.13 20.00 -15.74
S SO4 C . 19.43 14.59 7.57
O1 SO4 C . 19.71 16.02 7.69
O2 SO4 C . 20.18 14.04 6.45
O3 SO4 C . 19.80 13.89 8.80
O4 SO4 C . 18.00 14.38 7.33
S SO4 D . 16.36 -7.87 7.39
O1 SO4 D . 16.01 -9.22 7.81
O2 SO4 D . 15.78 -6.91 8.32
O3 SO4 D . 17.81 -7.72 7.38
O4 SO4 D . 15.85 -7.60 6.05
S SO4 E . 6.64 -18.45 8.70
O1 SO4 E . 6.33 -17.89 10.01
O2 SO4 E . 5.60 -18.10 7.75
O3 SO4 E . 7.91 -17.96 8.21
O4 SO4 E . 6.72 -19.91 8.79
MG MG F . -17.91 11.22 11.45
MG MG G . -15.91 10.41 6.99
#